data_4NH4
#
_entry.id   4NH4
#
_cell.length_a   60.660
_cell.length_b   78.406
_cell.length_c   155.706
_cell.angle_alpha   90.000
_cell.angle_beta   90.000
_cell.angle_gamma   90.000
#
_symmetry.space_group_name_H-M   'P 21 21 21'
#
loop_
_entity.id
_entity.type
_entity.pdbx_description
1 polymer 'Zingiber officinale double bond reductase'
2 non-polymer 'NADP NICOTINAMIDE-ADENINE-DINUCLEOTIDE PHOSPHATE'
3 water water
#
_entity_poly.entity_id   1
_entity_poly.type   'polypeptide(L)'
_entity_poly.pdbx_seq_one_letter_code
;MASAEDVVVVNKQVLLKHFIPEGAPKETDMELVTTGTIRLRVPEGSNAVLLKNLYLSCDPYMRMRMTKHEEASYVDDFVP
GAPITGFGVGKVVDSSHPDFKTGDYVWGLIGWEEYSLITKPQGLFKIHHTEIPLSYYTGILGMVGLTAYVGFYDICSPKK
GERVFVSAAAGAVGQIVGQFAKQFGCYVVGSAGSDEKVNLLKTKFGFDEAFNYKKEPDLTKALKRYFPEGIDIYFENVGG
PMLEAVLHNMRIKGRIAACGMISQYNLEKPEGVHNLFLIVGKRIRLEGFLVFDHYGSYPEFEEKVVQLIKEEKIKYLEDI
VEGLENAPAALIGLFEGRNVGKQVVVVSREKGHHHHHH
;
_entity_poly.pdbx_strand_id   A,B
#
loop_
_chem_comp.id
_chem_comp.type
_chem_comp.name
_chem_comp.formula
NAP non-polymer 'NADP NICOTINAMIDE-ADENINE-DINUCLEOTIDE PHOSPHATE' 'C21 H28 N7 O17 P3'
#
# COMPACT_ATOMS: atom_id res chain seq x y z
N VAL A 7 -28.07 44.85 -17.55
CA VAL A 7 -28.31 44.49 -16.11
C VAL A 7 -27.01 44.13 -15.39
N VAL A 8 -26.72 44.81 -14.29
CA VAL A 8 -25.72 44.33 -13.34
C VAL A 8 -26.50 43.89 -12.11
N VAL A 9 -26.09 42.78 -11.48
CA VAL A 9 -26.80 42.20 -10.32
C VAL A 9 -25.87 42.01 -9.16
N VAL A 10 -26.47 41.78 -7.98
CA VAL A 10 -25.73 41.52 -6.76
C VAL A 10 -25.04 40.14 -6.88
N ASN A 11 -23.81 40.08 -6.42
CA ASN A 11 -23.04 38.82 -6.39
C ASN A 11 -22.34 38.60 -5.08
N LYS A 12 -23.03 38.01 -4.10
CA LYS A 12 -22.42 37.76 -2.81
C LYS A 12 -21.35 36.71 -3.03
N GLN A 13 -20.38 36.70 -2.11
CA GLN A 13 -19.26 35.79 -2.19
C GLN A 13 -18.76 35.44 -0.80
N VAL A 14 -18.21 34.23 -0.68
CA VAL A 14 -17.44 33.84 0.47
C VAL A 14 -15.98 33.78 0.06
N LEU A 15 -15.18 34.67 0.63
CA LEU A 15 -13.76 34.74 0.38
C LEU A 15 -13.03 33.99 1.48
N LEU A 16 -11.81 33.57 1.15
CA LEU A 16 -10.88 33.04 2.15
C LEU A 16 -10.20 34.26 2.76
N LYS A 17 -10.34 34.47 4.06
CA LYS A 17 -9.72 35.65 4.69
C LYS A 17 -8.19 35.49 4.72
N HIS A 18 -7.71 34.29 5.01
CA HIS A 18 -6.26 34.07 5.07
C HIS A 18 -5.86 32.59 5.03
N PHE A 19 -4.61 32.34 4.64
CA PHE A 19 -3.98 31.04 4.89
C PHE A 19 -4.10 30.69 6.35
N ILE A 20 -4.24 29.40 6.65
CA ILE A 20 -4.30 28.96 8.03
C ILE A 20 -3.20 27.92 8.21
N PRO A 21 -2.74 27.78 9.44
CA PRO A 21 -1.71 26.80 9.69
C PRO A 21 -2.33 25.41 9.77
N GLU A 22 -1.48 24.37 9.86
CA GLU A 22 -1.95 23.08 10.28
C GLU A 22 -2.86 23.35 11.51
N GLY A 23 -3.94 22.57 11.67
CA GLY A 23 -4.94 22.82 12.72
C GLY A 23 -6.31 22.75 12.10
N ALA A 24 -7.33 23.15 12.86
CA ALA A 24 -8.70 23.14 12.36
C ALA A 24 -9.07 24.44 11.65
N PRO A 25 -10.03 24.37 10.75
CA PRO A 25 -10.49 25.61 10.21
C PRO A 25 -11.55 26.22 11.12
N LYS A 26 -11.76 27.51 11.02
CA LYS A 26 -12.82 28.16 11.77
C LYS A 26 -13.57 29.10 10.84
N GLU A 27 -14.86 29.27 11.12
CA GLU A 27 -15.73 30.17 10.38
C GLU A 27 -15.09 31.46 9.93
N THR A 28 -14.31 32.00 10.86
CA THR A 28 -13.68 33.29 10.72
C THR A 28 -12.43 33.23 9.82
N ASP A 29 -12.07 32.04 9.36
CA ASP A 29 -11.09 31.96 8.26
C ASP A 29 -11.67 32.39 6.90
N MET A 30 -12.99 32.54 6.87
CA MET A 30 -13.74 32.86 5.67
C MET A 30 -14.66 34.04 6.00
N GLU A 31 -14.89 34.91 5.03
CA GLU A 31 -15.80 36.06 5.19
C GLU A 31 -16.74 36.22 4.00
N LEU A 32 -17.99 36.47 4.35
CA LEU A 32 -19.05 36.83 3.42
C LEU A 32 -18.91 38.27 2.97
N VAL A 33 -19.05 38.52 1.69
CA VAL A 33 -19.06 39.89 1.19
C VAL A 33 -20.34 40.04 0.39
N THR A 34 -21.10 41.10 0.69
CA THR A 34 -22.42 41.27 0.10
C THR A 34 -22.40 42.37 -0.94
N THR A 35 -21.27 43.06 -1.07
CA THR A 35 -21.25 44.31 -1.83
C THR A 35 -21.00 44.10 -3.29
N GLY A 36 -20.46 42.94 -3.68
CA GLY A 36 -20.02 42.73 -5.05
C GLY A 36 -21.12 42.66 -6.10
N THR A 37 -20.78 42.94 -7.34
CA THR A 37 -21.73 42.88 -8.46
C THR A 37 -21.15 42.17 -9.70
N ILE A 38 -22.00 41.82 -10.65
CA ILE A 38 -21.53 41.15 -11.85
C ILE A 38 -22.42 41.45 -13.06
N ARG A 39 -21.81 41.54 -14.24
CA ARG A 39 -22.53 41.70 -15.50
C ARG A 39 -23.10 40.33 -15.91
N LEU A 40 -24.31 40.33 -16.45
CA LEU A 40 -24.91 39.09 -16.93
C LEU A 40 -24.58 38.68 -18.38
N ARG A 41 -23.44 39.09 -18.94
CA ARG A 41 -23.02 38.60 -20.24
C ARG A 41 -21.54 38.28 -20.09
N VAL A 42 -21.06 37.23 -20.75
CA VAL A 42 -19.62 36.94 -20.80
C VAL A 42 -18.94 38.09 -21.53
N PRO A 43 -17.65 38.37 -21.24
CA PRO A 43 -16.92 39.37 -22.01
C PRO A 43 -16.93 39.07 -23.51
N GLU A 44 -17.13 40.07 -24.35
CA GLU A 44 -16.88 39.92 -25.78
C GLU A 44 -15.44 39.41 -26.04
N GLY A 45 -15.29 38.57 -27.05
CA GLY A 45 -13.99 38.01 -27.44
C GLY A 45 -13.60 36.80 -26.59
N SER A 46 -14.50 36.32 -25.73
CA SER A 46 -14.18 35.27 -24.76
C SER A 46 -14.58 33.90 -25.30
N ASN A 47 -14.22 32.86 -24.58
CA ASN A 47 -14.64 31.49 -24.89
C ASN A 47 -15.01 30.89 -23.57
N ALA A 48 -16.19 31.28 -23.08
CA ALA A 48 -16.45 31.18 -21.64
C ALA A 48 -17.91 30.95 -21.31
N VAL A 49 -18.17 30.60 -20.05
CA VAL A 49 -19.53 30.38 -19.59
C VAL A 49 -19.77 31.15 -18.30
N LEU A 50 -20.84 31.92 -18.25
CA LEU A 50 -21.34 32.45 -16.97
C LEU A 50 -22.39 31.56 -16.39
N LEU A 51 -22.15 31.18 -15.14
CA LEU A 51 -23.11 30.36 -14.42
C LEU A 51 -23.85 31.17 -13.38
N LYS A 52 -25.12 30.86 -13.23
CA LYS A 52 -25.83 31.06 -11.95
C LYS A 52 -25.69 29.86 -11.08
N ASN A 53 -25.10 30.05 -9.92
CA ASN A 53 -24.82 28.92 -9.07
C ASN A 53 -26.02 28.51 -8.17
N LEU A 54 -26.33 27.21 -8.15
CA LEU A 54 -27.52 26.66 -7.50
C LEU A 54 -27.22 25.82 -6.26
N TYR A 55 -26.23 24.92 -6.35
CA TYR A 55 -25.86 24.07 -5.24
C TYR A 55 -24.33 23.96 -5.14
N LEU A 56 -23.85 23.85 -3.93
CA LEU A 56 -22.45 23.69 -3.60
C LEU A 56 -22.28 22.48 -2.73
N SER A 57 -21.18 21.78 -2.97
CA SER A 57 -20.76 20.66 -2.19
C SER A 57 -19.72 21.16 -1.21
N CYS A 58 -19.87 20.72 0.02
CA CYS A 58 -18.81 20.81 0.99
C CYS A 58 -18.07 19.46 0.96
N ASP A 59 -16.76 19.48 0.82
CA ASP A 59 -16.01 18.22 0.67
C ASP A 59 -14.76 18.36 1.56
N PRO A 60 -14.39 17.30 2.25
CA PRO A 60 -13.26 17.34 3.17
C PRO A 60 -11.89 17.78 2.59
N TYR A 61 -11.61 17.42 1.35
CA TYR A 61 -10.36 17.84 0.66
C TYR A 61 -10.22 19.37 0.64
N MET A 62 -11.35 20.10 0.70
CA MET A 62 -11.31 21.55 0.66
C MET A 62 -10.47 22.20 1.81
N ARG A 63 -10.41 21.59 2.98
CA ARG A 63 -9.63 22.18 4.09
C ARG A 63 -8.11 22.36 3.83
N MET A 64 -7.53 21.38 3.14
CA MET A 64 -6.10 21.37 2.88
C MET A 64 -5.74 22.50 1.95
N ARG A 65 -6.73 22.92 1.16
CA ARG A 65 -6.55 24.04 0.29
C ARG A 65 -6.48 25.37 1.04
N MET A 66 -6.89 25.40 2.28
CA MET A 66 -6.73 26.62 3.10
C MET A 66 -5.31 26.78 3.71
N THR A 67 -4.39 25.89 3.37
CA THR A 67 -2.97 25.99 3.81
C THR A 67 -1.98 26.20 2.64
N LYS A 68 -1.04 27.13 2.79
CA LYS A 68 -0.13 27.44 1.70
C LYS A 68 0.76 26.23 1.59
N HIS A 69 0.93 25.73 0.37
CA HIS A 69 1.95 24.71 0.11
C HIS A 69 2.99 25.29 -0.86
N GLU A 70 4.26 25.08 -0.51
CA GLU A 70 5.36 25.53 -1.35
C GLU A 70 5.52 24.62 -2.57
N GLU A 71 5.39 23.30 -2.39
CA GLU A 71 5.43 22.37 -3.51
C GLU A 71 4.03 22.12 -3.97
N ALA A 72 3.76 22.40 -5.24
CA ALA A 72 2.43 22.19 -5.81
C ALA A 72 1.89 20.84 -5.36
N SER A 73 0.71 20.83 -4.73
CA SER A 73 -0.03 19.58 -4.47
C SER A 73 -0.93 19.30 -5.70
N TYR A 74 -1.84 18.34 -5.58
CA TYR A 74 -2.63 17.88 -6.73
C TYR A 74 -3.66 18.91 -7.19
N VAL A 75 -4.14 19.73 -6.25
CA VAL A 75 -4.97 20.91 -6.57
C VAL A 75 -4.25 22.14 -6.08
N ASP A 76 -4.44 23.25 -6.78
CA ASP A 76 -3.96 24.55 -6.37
C ASP A 76 -4.58 25.02 -5.04
N ASP A 77 -3.77 25.55 -4.15
CA ASP A 77 -4.23 26.16 -2.91
C ASP A 77 -5.25 27.21 -3.19
N PHE A 78 -6.13 27.49 -2.23
CA PHE A 78 -6.95 28.73 -2.32
C PHE A 78 -6.10 29.99 -2.24
N VAL A 79 -6.71 31.12 -2.52
CA VAL A 79 -6.02 32.39 -2.48
C VAL A 79 -6.72 33.28 -1.47
N PRO A 80 -5.95 33.88 -0.51
CA PRO A 80 -6.57 34.89 0.35
C PRO A 80 -7.26 36.01 -0.43
N GLY A 81 -8.46 36.36 -0.01
CA GLY A 81 -9.21 37.40 -0.67
C GLY A 81 -9.90 36.99 -1.96
N ALA A 82 -9.64 35.81 -2.50
CA ALA A 82 -10.41 35.31 -3.65
C ALA A 82 -11.48 34.43 -3.11
N PRO A 83 -12.57 34.26 -3.88
CA PRO A 83 -13.61 33.31 -3.52
C PRO A 83 -13.04 31.92 -3.21
N ILE A 84 -13.60 31.27 -2.20
CA ILE A 84 -13.46 29.83 -1.99
C ILE A 84 -14.06 29.19 -3.26
N THR A 85 -13.49 28.08 -3.74
CA THR A 85 -14.06 27.28 -4.83
C THR A 85 -14.20 25.83 -4.40
N GLY A 86 -14.99 25.06 -5.16
CA GLY A 86 -15.29 23.64 -4.86
C GLY A 86 -16.32 23.09 -5.84
N PHE A 87 -16.77 21.86 -5.65
CA PHE A 87 -17.71 21.28 -6.61
C PHE A 87 -19.08 21.90 -6.35
N GLY A 88 -19.83 22.11 -7.43
CA GLY A 88 -21.20 22.61 -7.36
C GLY A 88 -21.94 22.39 -8.68
N VAL A 89 -23.15 22.94 -8.73
CA VAL A 89 -24.06 22.87 -9.86
C VAL A 89 -24.54 24.28 -10.18
N GLY A 90 -24.52 24.58 -11.47
CA GLY A 90 -24.93 25.87 -12.00
C GLY A 90 -25.79 25.77 -13.25
N LYS A 91 -26.35 26.90 -13.64
CA LYS A 91 -27.19 27.05 -14.82
C LYS A 91 -26.53 28.09 -15.68
N VAL A 92 -26.42 27.78 -16.97
CA VAL A 92 -25.74 28.71 -17.88
C VAL A 92 -26.67 29.89 -18.14
N VAL A 93 -26.19 31.08 -17.88
CA VAL A 93 -26.87 32.31 -18.12
C VAL A 93 -26.44 32.90 -19.48
N ASP A 94 -25.15 32.79 -19.78
CA ASP A 94 -24.61 33.26 -21.04
C ASP A 94 -23.37 32.44 -21.40
N SER A 95 -23.10 32.27 -22.70
CA SER A 95 -21.99 31.40 -23.11
C SER A 95 -21.49 31.85 -24.44
N SER A 96 -20.17 32.02 -24.54
CA SER A 96 -19.46 32.18 -25.82
C SER A 96 -18.69 30.91 -26.19
N HIS A 97 -19.05 29.81 -25.55
CA HIS A 97 -18.48 28.53 -25.86
C HIS A 97 -19.54 27.64 -26.50
N PRO A 98 -19.22 27.05 -27.65
CA PRO A 98 -20.20 26.30 -28.45
C PRO A 98 -20.85 25.12 -27.79
N ASP A 99 -20.16 24.40 -26.92
CA ASP A 99 -20.72 23.20 -26.28
C ASP A 99 -21.70 23.53 -25.10
N PHE A 100 -21.88 24.81 -24.79
CA PHE A 100 -22.71 25.27 -23.69
C PHE A 100 -23.66 26.33 -24.17
N LYS A 101 -24.94 26.12 -23.89
CA LYS A 101 -26.03 27.04 -24.30
C LYS A 101 -26.74 27.56 -23.08
N THR A 102 -27.12 28.82 -23.13
CA THR A 102 -28.02 29.38 -22.14
C THR A 102 -29.15 28.44 -21.79
N GLY A 103 -29.39 28.26 -20.51
CA GLY A 103 -30.35 27.27 -20.03
C GLY A 103 -29.81 25.89 -19.65
N ASP A 104 -28.60 25.50 -20.09
CA ASP A 104 -28.00 24.20 -19.66
C ASP A 104 -27.66 24.20 -18.18
N TYR A 105 -27.75 23.04 -17.54
CA TYR A 105 -27.28 22.86 -16.22
C TYR A 105 -26.01 22.02 -16.29
N VAL A 106 -25.06 22.40 -15.45
CA VAL A 106 -23.69 21.86 -15.47
C VAL A 106 -23.21 21.64 -14.07
N TRP A 107 -22.26 20.73 -13.91
CA TRP A 107 -21.56 20.54 -12.62
C TRP A 107 -20.02 20.54 -12.86
N GLY A 108 -19.28 20.92 -11.81
CA GLY A 108 -17.87 21.26 -11.96
C GLY A 108 -17.41 22.11 -10.81
N LEU A 109 -16.20 22.57 -10.94
CA LEU A 109 -15.58 23.43 -10.02
C LEU A 109 -16.07 24.84 -10.27
N ILE A 110 -16.75 25.39 -9.27
CA ILE A 110 -17.26 26.76 -9.34
C ILE A 110 -16.96 27.53 -8.02
N GLY A 111 -17.22 28.83 -8.02
CA GLY A 111 -16.97 29.69 -6.91
C GLY A 111 -18.08 29.64 -5.86
N TRP A 112 -17.69 29.99 -4.63
CA TRP A 112 -18.62 30.10 -3.51
C TRP A 112 -19.25 31.48 -3.58
N GLU A 113 -20.20 31.62 -4.55
CA GLU A 113 -20.79 32.88 -4.95
C GLU A 113 -22.10 32.64 -5.70
N GLU A 114 -22.78 33.71 -6.10
CA GLU A 114 -24.05 33.58 -6.76
C GLU A 114 -23.85 33.37 -8.26
N TYR A 115 -22.82 34.00 -8.82
CA TYR A 115 -22.46 33.86 -10.25
C TYR A 115 -20.95 33.65 -10.47
N SER A 116 -20.60 32.69 -11.34
CA SER A 116 -19.23 32.33 -11.60
C SER A 116 -18.97 32.43 -13.10
N LEU A 117 -17.99 33.22 -13.48
CA LEU A 117 -17.62 33.27 -14.90
C LEU A 117 -16.53 32.23 -15.12
N ILE A 118 -16.82 31.14 -15.83
CA ILE A 118 -15.84 30.07 -16.03
C ILE A 118 -15.12 30.26 -17.40
N THR A 119 -13.86 30.65 -17.33
CA THR A 119 -13.04 30.92 -18.54
C THR A 119 -12.44 29.64 -19.14
N LYS A 120 -12.51 28.52 -18.41
CA LYS A 120 -12.10 27.20 -18.92
C LYS A 120 -13.29 26.20 -18.81
N PRO A 121 -14.23 26.28 -19.77
CA PRO A 121 -15.48 25.52 -19.73
C PRO A 121 -15.30 24.04 -19.90
N GLN A 122 -14.12 23.67 -20.33
CA GLN A 122 -13.86 22.31 -20.76
C GLN A 122 -14.03 21.36 -19.58
N GLY A 123 -13.74 21.85 -18.37
CA GLY A 123 -13.92 21.08 -17.12
C GLY A 123 -15.32 21.19 -16.50
N LEU A 124 -16.33 21.57 -17.28
CA LEU A 124 -17.72 21.53 -16.81
C LEU A 124 -18.32 20.27 -17.39
N PHE A 125 -19.21 19.63 -16.66
CA PHE A 125 -19.93 18.48 -17.18
C PHE A 125 -21.41 18.89 -17.45
N LYS A 126 -21.92 18.74 -18.67
CA LYS A 126 -23.35 19.05 -18.91
C LYS A 126 -24.21 17.98 -18.24
N ILE A 127 -25.22 18.42 -17.53
CA ILE A 127 -26.14 17.49 -16.93
C ILE A 127 -27.17 17.08 -17.97
N HIS A 128 -27.31 15.78 -18.15
CA HIS A 128 -28.19 15.21 -19.19
C HIS A 128 -29.51 14.72 -18.65
N HIS A 129 -29.64 14.66 -17.31
CA HIS A 129 -30.80 14.12 -16.60
C HIS A 129 -31.27 15.12 -15.54
N THR A 130 -32.08 16.08 -16.01
CA THR A 130 -32.56 17.19 -15.18
C THR A 130 -33.84 16.89 -14.29
N GLU A 131 -34.43 15.70 -14.54
CA GLU A 131 -35.58 15.13 -13.77
C GLU A 131 -35.11 14.51 -12.47
N ILE A 132 -33.84 14.10 -12.46
CA ILE A 132 -33.16 13.74 -11.23
C ILE A 132 -32.88 15.07 -10.51
N PRO A 133 -33.07 15.11 -9.20
CA PRO A 133 -32.86 16.35 -8.53
C PRO A 133 -31.44 16.82 -8.74
N LEU A 134 -31.32 18.07 -9.17
CA LEU A 134 -30.07 18.70 -9.53
C LEU A 134 -28.99 18.67 -8.45
N SER A 135 -29.38 18.85 -7.19
CA SER A 135 -28.48 18.75 -6.08
C SER A 135 -27.68 17.41 -6.02
N TYR A 136 -28.18 16.37 -6.65
CA TYR A 136 -27.50 15.08 -6.67
C TYR A 136 -26.17 15.18 -7.43
N TYR A 137 -26.09 16.11 -8.37
CA TYR A 137 -24.90 16.28 -9.14
C TYR A 137 -23.74 16.92 -8.30
N THR A 138 -23.99 17.21 -7.00
CA THR A 138 -22.97 17.69 -6.10
C THR A 138 -22.38 16.53 -5.37
N GLY A 139 -23.05 15.37 -5.37
CA GLY A 139 -22.57 14.21 -4.60
C GLY A 139 -22.63 12.91 -5.41
N ILE A 140 -23.74 12.17 -5.24
CA ILE A 140 -23.94 10.84 -5.83
C ILE A 140 -23.71 10.76 -7.33
N LEU A 141 -24.05 11.81 -8.05
CA LEU A 141 -23.91 11.79 -9.50
C LEU A 141 -22.80 12.74 -9.95
N GLY A 142 -22.09 13.26 -8.98
CA GLY A 142 -20.92 14.07 -9.24
C GLY A 142 -19.64 13.31 -8.83
N MET A 143 -18.64 14.09 -8.43
CA MET A 143 -17.30 13.67 -7.96
C MET A 143 -17.36 12.59 -6.89
N VAL A 144 -18.19 12.84 -5.87
CA VAL A 144 -18.32 11.92 -4.76
C VAL A 144 -18.77 10.52 -5.18
N GLY A 145 -19.72 10.45 -6.09
CA GLY A 145 -20.20 9.15 -6.50
C GLY A 145 -19.22 8.36 -7.38
N LEU A 146 -18.52 9.10 -8.24
CA LEU A 146 -17.51 8.50 -9.11
C LEU A 146 -16.40 7.91 -8.22
N THR A 147 -16.10 8.60 -7.11
CA THR A 147 -15.06 8.15 -6.18
C THR A 147 -15.44 6.81 -5.60
N ALA A 148 -16.67 6.71 -5.09
CA ALA A 148 -17.20 5.44 -4.59
C ALA A 148 -17.01 4.35 -5.60
N TYR A 149 -17.41 4.65 -6.82
CA TYR A 149 -17.46 3.65 -7.95
C TYR A 149 -16.07 3.15 -8.34
N VAL A 150 -15.17 4.08 -8.56
CA VAL A 150 -13.78 3.76 -8.92
C VAL A 150 -13.10 3.07 -7.72
N GLY A 151 -13.28 3.62 -6.53
CA GLY A 151 -12.64 3.05 -5.34
C GLY A 151 -13.12 1.65 -5.04
N PHE A 152 -14.41 1.41 -5.14
CA PHE A 152 -14.89 0.03 -4.90
C PHE A 152 -14.63 -0.93 -6.05
N TYR A 153 -15.16 -0.59 -7.23
CA TYR A 153 -15.17 -1.56 -8.33
C TYR A 153 -13.79 -1.81 -8.92
N ASP A 154 -12.99 -0.76 -9.03
CA ASP A 154 -11.64 -0.93 -9.59
C ASP A 154 -10.64 -1.20 -8.46
N ILE A 155 -10.35 -0.21 -7.62
CA ILE A 155 -9.34 -0.37 -6.57
C ILE A 155 -9.47 -1.58 -5.68
N CYS A 156 -10.70 -1.87 -5.14
CA CYS A 156 -10.91 -2.94 -4.21
C CYS A 156 -10.83 -4.34 -4.80
N SER A 157 -10.84 -4.50 -6.10
CA SER A 157 -11.02 -5.85 -6.74
C SER A 157 -11.92 -6.85 -5.99
N PRO A 158 -13.17 -6.46 -5.78
CA PRO A 158 -14.03 -7.30 -5.01
C PRO A 158 -14.45 -8.60 -5.67
N LYS A 159 -14.79 -9.54 -4.81
CA LYS A 159 -15.41 -10.80 -5.23
C LYS A 159 -16.57 -11.07 -4.34
N LYS A 160 -17.55 -11.78 -4.88
CA LYS A 160 -18.81 -12.14 -4.16
C LYS A 160 -18.38 -12.85 -2.90
N GLY A 161 -19.02 -12.52 -1.78
CA GLY A 161 -18.69 -13.19 -0.52
C GLY A 161 -17.62 -12.54 0.32
N GLU A 162 -16.93 -11.54 -0.21
CA GLU A 162 -15.83 -10.98 0.57
C GLU A 162 -16.36 -10.11 1.71
N ARG A 163 -15.52 -9.97 2.72
CA ARG A 163 -15.89 -9.29 3.93
C ARG A 163 -15.36 -7.87 3.91
N VAL A 164 -16.28 -6.91 3.82
CA VAL A 164 -15.93 -5.53 3.52
C VAL A 164 -16.20 -4.60 4.70
N PHE A 165 -15.20 -3.81 5.11
CA PHE A 165 -15.34 -2.76 6.15
C PHE A 165 -15.17 -1.41 5.51
N VAL A 166 -16.13 -0.51 5.77
CA VAL A 166 -16.09 0.86 5.27
C VAL A 166 -16.05 1.80 6.49
N SER A 167 -15.09 2.70 6.60
CA SER A 167 -15.16 3.78 7.59
C SER A 167 -15.83 5.04 7.03
N ALA A 168 -16.10 5.99 7.91
CA ALA A 168 -17.03 7.05 7.64
C ALA A 168 -18.24 6.52 6.82
N ALA A 169 -18.75 5.38 7.23
CA ALA A 169 -19.66 4.66 6.40
C ALA A 169 -21.03 5.36 6.17
N ALA A 170 -21.43 6.33 6.99
CA ALA A 170 -22.70 7.06 6.80
C ALA A 170 -22.47 8.35 5.97
N GLY A 171 -21.19 8.69 5.75
CA GLY A 171 -20.81 9.72 4.78
C GLY A 171 -21.22 9.55 3.33
N ALA A 172 -20.90 10.55 2.53
CA ALA A 172 -21.33 10.62 1.17
C ALA A 172 -20.69 9.49 0.40
N VAL A 173 -19.39 9.33 0.58
CA VAL A 173 -18.69 8.29 -0.18
C VAL A 173 -19.08 6.92 0.32
N GLY A 174 -19.03 6.76 1.64
CA GLY A 174 -19.19 5.49 2.29
C GLY A 174 -20.57 4.88 2.18
N GLN A 175 -21.62 5.72 2.19
CA GLN A 175 -23.01 5.18 2.10
C GLN A 175 -23.20 4.60 0.72
N ILE A 176 -22.55 5.20 -0.28
CA ILE A 176 -22.58 4.64 -1.65
C ILE A 176 -21.76 3.34 -1.75
N VAL A 177 -20.50 3.40 -1.35
CA VAL A 177 -19.66 2.17 -1.29
C VAL A 177 -20.39 0.99 -0.64
N GLY A 178 -20.96 1.22 0.53
CA GLY A 178 -21.63 0.13 1.23
C GLY A 178 -22.68 -0.60 0.40
N GLN A 179 -23.47 0.18 -0.33
CA GLN A 179 -24.56 -0.31 -1.12
C GLN A 179 -24.03 -1.01 -2.35
N PHE A 180 -22.94 -0.50 -2.90
CA PHE A 180 -22.32 -1.18 -4.08
C PHE A 180 -21.85 -2.54 -3.62
N ALA A 181 -21.24 -2.60 -2.44
CA ALA A 181 -20.63 -3.84 -1.92
C ALA A 181 -21.67 -4.87 -1.57
N LYS A 182 -22.72 -4.35 -0.98
CA LYS A 182 -23.85 -5.15 -0.66
C LYS A 182 -24.45 -5.81 -1.90
N GLN A 183 -24.65 -5.01 -2.94
CA GLN A 183 -25.34 -5.50 -4.13
C GLN A 183 -24.39 -6.36 -4.94
N PHE A 184 -23.08 -6.25 -4.65
CA PHE A 184 -22.07 -7.08 -5.28
C PHE A 184 -22.10 -8.47 -4.67
N GLY A 185 -22.75 -8.65 -3.53
CA GLY A 185 -22.82 -9.91 -2.82
C GLY A 185 -21.74 -10.06 -1.74
N CYS A 186 -21.26 -8.94 -1.21
CA CYS A 186 -20.32 -8.92 -0.13
C CYS A 186 -21.02 -8.79 1.24
N TYR A 187 -20.30 -9.21 2.28
CA TYR A 187 -20.67 -8.95 3.64
C TYR A 187 -20.11 -7.58 4.08
N VAL A 188 -20.96 -6.71 4.61
CA VAL A 188 -20.56 -5.29 4.70
C VAL A 188 -20.82 -4.72 6.09
N VAL A 189 -19.80 -4.09 6.66
CA VAL A 189 -19.84 -3.53 8.01
C VAL A 189 -19.29 -2.14 7.92
N GLY A 190 -19.92 -1.20 8.65
CA GLY A 190 -19.52 0.22 8.59
C GLY A 190 -19.25 0.80 9.96
N SER A 191 -18.40 1.81 10.08
CA SER A 191 -18.21 2.54 11.37
C SER A 191 -18.66 4.00 11.15
N ALA A 192 -19.30 4.56 12.15
CA ALA A 192 -19.80 5.94 12.09
C ALA A 192 -19.77 6.58 13.48
N GLY A 193 -19.93 7.91 13.51
CA GLY A 193 -19.58 8.68 14.72
C GLY A 193 -20.76 8.98 15.66
N SER A 194 -21.93 8.37 15.40
CA SER A 194 -23.13 8.52 16.23
C SER A 194 -24.12 7.34 16.03
N ASP A 195 -25.02 7.19 17.01
CA ASP A 195 -26.02 6.12 17.01
C ASP A 195 -27.05 6.38 15.93
N GLU A 196 -27.38 7.62 15.67
CA GLU A 196 -28.26 7.92 14.55
C GLU A 196 -27.68 7.36 13.21
N LYS A 197 -26.40 7.60 13.01
CA LYS A 197 -25.70 7.17 11.76
C LYS A 197 -25.70 5.64 11.68
N VAL A 198 -25.37 5.03 12.81
CA VAL A 198 -25.35 3.59 12.91
C VAL A 198 -26.70 3.05 12.50
N ASN A 199 -27.75 3.61 13.09
CA ASN A 199 -29.07 3.13 12.78
C ASN A 199 -29.44 3.33 11.31
N LEU A 200 -29.07 4.46 10.73
CA LEU A 200 -29.25 4.65 9.27
C LEU A 200 -28.53 3.60 8.43
N LEU A 201 -27.35 3.23 8.88
CA LEU A 201 -26.50 2.25 8.16
C LEU A 201 -27.17 0.89 8.18
N LYS A 202 -27.81 0.57 9.28
CA LYS A 202 -28.39 -0.74 9.41
C LYS A 202 -29.75 -0.87 8.83
N THR A 203 -30.46 0.22 8.60
CA THR A 203 -31.84 0.15 8.10
C THR A 203 -31.89 0.70 6.70
N LYS A 204 -31.86 2.01 6.57
CA LYS A 204 -31.90 2.71 5.26
C LYS A 204 -30.85 2.23 4.22
N PHE A 205 -29.63 1.95 4.66
CA PHE A 205 -28.49 1.66 3.72
C PHE A 205 -28.21 0.16 3.56
N GLY A 206 -28.87 -0.64 4.40
CA GLY A 206 -28.82 -2.08 4.26
C GLY A 206 -27.46 -2.68 4.55
N PHE A 207 -26.65 -2.04 5.41
CA PHE A 207 -25.39 -2.65 5.87
C PHE A 207 -25.66 -3.87 6.76
N ASP A 208 -24.77 -4.87 6.78
CA ASP A 208 -25.05 -6.08 7.54
C ASP A 208 -24.94 -5.79 9.03
N GLU A 209 -23.93 -5.01 9.38
CA GLU A 209 -23.68 -4.53 10.76
C GLU A 209 -23.11 -3.14 10.63
N ALA A 210 -23.19 -2.38 11.72
CA ALA A 210 -22.46 -1.11 11.88
C ALA A 210 -22.19 -0.88 13.38
N PHE A 211 -21.22 -0.01 13.70
CA PHE A 211 -20.94 0.30 15.10
C PHE A 211 -20.49 1.73 15.19
N ASN A 212 -20.64 2.25 16.39
CA ASN A 212 -20.32 3.62 16.70
C ASN A 212 -18.88 3.60 17.22
N TYR A 213 -17.97 4.15 16.44
CA TYR A 213 -16.56 4.01 16.76
C TYR A 213 -16.24 4.76 18.03
N LYS A 214 -16.93 5.87 18.30
CA LYS A 214 -16.58 6.67 19.51
C LYS A 214 -16.95 5.98 20.82
N LYS A 215 -17.81 4.96 20.75
CA LYS A 215 -18.22 4.25 21.97
C LYS A 215 -17.52 2.95 22.08
N GLU A 216 -16.42 2.78 21.34
CA GLU A 216 -15.55 1.59 21.47
C GLU A 216 -14.25 1.93 22.14
N PRO A 217 -13.95 1.30 23.29
CA PRO A 217 -12.61 1.57 23.88
C PRO A 217 -11.44 0.86 23.19
N ASP A 218 -11.73 -0.14 22.34
CA ASP A 218 -10.73 -0.91 21.60
C ASP A 218 -11.17 -1.23 20.12
N LEU A 219 -10.61 -0.53 19.14
CA LEU A 219 -11.05 -0.74 17.75
C LEU A 219 -10.67 -2.11 17.20
N THR A 220 -9.53 -2.64 17.63
CA THR A 220 -9.15 -3.97 17.23
C THR A 220 -10.13 -5.08 17.60
N LYS A 221 -10.55 -5.07 18.86
CA LYS A 221 -11.53 -6.04 19.37
C LYS A 221 -12.89 -5.83 18.76
N ALA A 222 -13.26 -4.59 18.55
CA ALA A 222 -14.53 -4.29 17.96
C ALA A 222 -14.57 -4.81 16.55
N LEU A 223 -13.48 -4.63 15.79
CA LEU A 223 -13.48 -5.16 14.41
C LEU A 223 -13.51 -6.70 14.48
N LYS A 224 -12.84 -7.24 15.49
CA LYS A 224 -12.85 -8.67 15.65
C LYS A 224 -14.25 -9.20 15.91
N ARG A 225 -15.10 -8.43 16.61
CA ARG A 225 -16.48 -8.87 16.85
C ARG A 225 -17.24 -9.13 15.55
N TYR A 226 -17.20 -8.16 14.65
CA TYR A 226 -17.98 -8.27 13.42
C TYR A 226 -17.24 -9.05 12.34
N PHE A 227 -15.95 -9.28 12.51
CA PHE A 227 -15.21 -10.00 11.48
C PHE A 227 -14.51 -11.21 12.09
N PRO A 228 -15.28 -12.24 12.46
CA PRO A 228 -14.69 -13.39 13.13
C PRO A 228 -13.61 -14.10 12.27
N GLU A 229 -13.71 -13.98 10.95
CA GLU A 229 -12.68 -14.50 10.07
C GLU A 229 -11.77 -13.40 9.53
N GLY A 230 -11.87 -12.19 10.05
CA GLY A 230 -11.10 -11.07 9.45
C GLY A 230 -11.72 -10.38 8.23
N ILE A 231 -11.01 -9.36 7.75
CA ILE A 231 -11.47 -8.42 6.74
C ILE A 231 -10.73 -8.59 5.41
N ASP A 232 -11.50 -8.68 4.34
CA ASP A 232 -10.93 -8.77 3.01
C ASP A 232 -10.57 -7.42 2.43
N ILE A 233 -11.45 -6.48 2.66
CA ILE A 233 -11.42 -5.21 1.97
C ILE A 233 -11.79 -4.14 2.96
N TYR A 234 -10.94 -3.11 3.03
CA TYR A 234 -11.20 -1.91 3.80
C TYR A 234 -11.25 -0.74 2.82
N PHE A 235 -12.42 -0.08 2.78
CA PHE A 235 -12.58 1.18 2.06
C PHE A 235 -12.25 2.29 3.04
N GLU A 236 -11.02 2.77 2.94
CA GLU A 236 -10.39 3.63 3.91
C GLU A 236 -10.72 5.11 3.70
N ASN A 237 -11.47 5.68 4.62
CA ASN A 237 -11.85 7.11 4.53
C ASN A 237 -11.32 7.95 5.68
N VAL A 238 -10.69 7.31 6.63
CA VAL A 238 -10.40 7.90 7.98
C VAL A 238 -8.97 7.90 8.45
N GLY A 239 -8.27 6.78 8.30
CA GLY A 239 -6.84 6.70 8.71
C GLY A 239 -6.72 6.58 10.22
N GLY A 240 -5.54 6.88 10.76
CA GLY A 240 -5.36 6.89 12.21
C GLY A 240 -5.32 5.46 12.74
N PRO A 241 -5.52 5.31 14.04
CA PRO A 241 -5.66 4.07 14.77
C PRO A 241 -6.68 3.07 14.18
N MET A 242 -7.76 3.59 13.59
CA MET A 242 -8.71 2.70 12.87
C MET A 242 -7.99 1.88 11.81
N LEU A 243 -7.07 2.52 11.09
CA LEU A 243 -6.26 1.81 10.09
C LEU A 243 -5.42 0.68 10.69
N GLU A 244 -4.76 0.94 11.81
CA GLU A 244 -4.02 -0.08 12.52
C GLU A 244 -4.92 -1.19 12.94
N ALA A 245 -6.11 -0.86 13.42
CA ALA A 245 -7.04 -1.90 13.91
C ALA A 245 -7.45 -2.82 12.75
N VAL A 246 -7.65 -2.22 11.59
CA VAL A 246 -7.99 -2.99 10.40
C VAL A 246 -6.82 -3.88 10.02
N LEU A 247 -5.61 -3.31 9.97
CA LEU A 247 -4.42 -4.13 9.57
C LEU A 247 -4.36 -5.36 10.43
N HIS A 248 -4.55 -5.20 11.73
CA HIS A 248 -4.49 -6.34 12.62
C HIS A 248 -5.54 -7.38 12.31
N ASN A 249 -6.73 -6.95 11.86
CA ASN A 249 -7.84 -7.85 11.52
C ASN A 249 -7.92 -8.27 10.04
N MET A 250 -7.01 -7.82 9.22
CA MET A 250 -7.06 -8.11 7.79
C MET A 250 -6.67 -9.55 7.41
N ARG A 251 -7.31 -10.09 6.39
CA ARG A 251 -7.00 -11.43 5.87
C ARG A 251 -5.86 -11.37 4.84
N ILE A 252 -5.30 -12.55 4.53
CA ILE A 252 -4.27 -12.77 3.49
C ILE A 252 -4.91 -12.28 2.17
N LYS A 253 -4.13 -11.56 1.38
CA LYS A 253 -4.54 -10.98 0.11
C LYS A 253 -5.62 -9.91 0.26
N GLY A 254 -5.72 -9.37 1.45
CA GLY A 254 -6.55 -8.23 1.69
C GLY A 254 -6.17 -6.97 0.98
N ARG A 255 -7.18 -6.11 0.77
CA ARG A 255 -6.96 -4.84 0.07
C ARG A 255 -7.51 -3.68 0.85
N ILE A 256 -6.82 -2.58 0.71
CA ILE A 256 -7.25 -1.31 1.30
C ILE A 256 -7.17 -0.24 0.25
N ALA A 257 -8.32 0.33 -0.09
CA ALA A 257 -8.41 1.42 -1.03
C ALA A 257 -8.35 2.67 -0.19
N ALA A 258 -7.26 3.39 -0.30
CA ALA A 258 -7.05 4.54 0.53
C ALA A 258 -7.69 5.71 -0.23
N CYS A 259 -8.97 5.94 0.12
CA CYS A 259 -9.79 7.01 -0.49
C CYS A 259 -9.45 8.30 0.19
N GLY A 260 -9.38 8.23 1.54
CA GLY A 260 -8.97 9.39 2.34
C GLY A 260 -8.64 9.07 3.75
N MET A 261 -8.18 10.10 4.49
CA MET A 261 -7.73 9.88 5.90
C MET A 261 -8.12 11.04 6.78
N ILE A 262 -9.44 11.23 6.88
CA ILE A 262 -9.99 12.46 7.43
C ILE A 262 -9.61 12.73 8.89
N SER A 263 -9.31 11.68 9.64
CA SER A 263 -8.85 11.91 11.05
C SER A 263 -7.55 12.73 11.16
N GLN A 264 -6.78 12.78 10.07
CA GLN A 264 -5.46 13.38 10.06
C GLN A 264 -5.50 14.82 9.54
N TYR A 265 -6.56 15.22 8.84
CA TYR A 265 -6.53 16.50 8.07
C TYR A 265 -6.38 17.78 8.91
N ASN A 266 -6.85 17.76 10.15
CA ASN A 266 -6.68 18.93 11.00
C ASN A 266 -5.64 18.74 12.09
N LEU A 267 -4.74 17.79 11.93
CA LEU A 267 -3.69 17.54 12.95
C LEU A 267 -2.34 18.24 12.68
N GLU A 268 -1.97 19.16 13.58
CA GLU A 268 -0.59 19.65 13.65
C GLU A 268 0.39 18.48 13.53
N LYS A 269 0.05 17.35 14.16
CA LYS A 269 0.96 16.23 14.29
C LYS A 269 0.27 14.93 13.93
N PRO A 270 0.47 14.42 12.71
CA PRO A 270 -0.25 13.20 12.30
C PRO A 270 0.11 11.98 13.15
N GLU A 271 -0.83 11.05 13.30
CA GLU A 271 -0.65 9.88 14.15
C GLU A 271 0.19 8.83 13.45
N GLY A 272 1.05 8.13 14.19
CA GLY A 272 1.86 7.04 13.64
C GLY A 272 1.04 5.78 13.45
N VAL A 273 1.22 5.09 12.29
CA VAL A 273 0.72 3.75 12.08
C VAL A 273 1.85 2.73 12.31
N HIS A 274 1.65 1.74 13.19
CA HIS A 274 2.77 0.98 13.79
C HIS A 274 3.02 -0.40 13.21
N ASN A 275 1.98 -0.95 12.57
CA ASN A 275 1.97 -2.35 12.18
C ASN A 275 1.88 -2.60 10.67
N LEU A 276 2.56 -1.75 9.91
CA LEU A 276 2.58 -1.90 8.45
C LEU A 276 3.28 -3.17 8.01
N PHE A 277 4.19 -3.70 8.84
CA PHE A 277 4.86 -4.94 8.50
C PHE A 277 3.86 -6.08 8.27
N LEU A 278 2.66 -5.99 8.85
CA LEU A 278 1.62 -7.00 8.57
C LEU A 278 1.35 -7.08 7.10
N ILE A 279 1.63 -6.02 6.38
CA ILE A 279 1.36 -5.97 4.97
C ILE A 279 2.22 -7.00 4.22
N VAL A 280 3.39 -7.30 4.76
CA VAL A 280 4.22 -8.29 4.15
C VAL A 280 3.65 -9.70 4.28
N GLY A 281 3.46 -10.15 5.52
CA GLY A 281 3.17 -11.55 5.80
C GLY A 281 1.73 -11.88 5.34
N LYS A 282 0.92 -10.84 5.19
CA LYS A 282 -0.47 -11.00 4.72
C LYS A 282 -0.70 -10.63 3.26
N ARG A 283 0.36 -10.16 2.60
CA ARG A 283 0.33 -9.86 1.19
C ARG A 283 -0.78 -8.90 0.83
N ILE A 284 -0.86 -7.84 1.61
CA ILE A 284 -1.86 -6.79 1.45
C ILE A 284 -1.44 -5.71 0.44
N ARG A 285 -2.42 -5.25 -0.33
CA ARG A 285 -2.24 -4.13 -1.17
C ARG A 285 -2.98 -2.94 -0.57
N LEU A 286 -2.21 -1.89 -0.32
CA LEU A 286 -2.71 -0.61 0.15
C LEU A 286 -2.46 0.40 -0.95
N GLU A 287 -3.53 0.89 -1.59
CA GLU A 287 -3.47 1.67 -2.80
C GLU A 287 -4.32 2.95 -2.75
N GLY A 288 -3.68 4.10 -2.94
CA GLY A 288 -4.43 5.35 -2.97
C GLY A 288 -4.91 5.63 -4.35
N PHE A 289 -5.94 6.48 -4.46
CA PHE A 289 -6.43 6.88 -5.80
C PHE A 289 -7.07 8.24 -5.63
N LEU A 290 -7.15 8.94 -6.75
CA LEU A 290 -7.66 10.31 -6.83
C LEU A 290 -8.67 10.32 -7.96
N VAL A 291 -9.91 10.63 -7.62
CA VAL A 291 -10.99 10.57 -8.59
C VAL A 291 -10.74 11.48 -9.81
N PHE A 292 -9.94 12.52 -9.62
CA PHE A 292 -9.59 13.44 -10.71
C PHE A 292 -8.91 12.76 -11.89
N ASP A 293 -8.24 11.63 -11.66
CA ASP A 293 -7.68 10.86 -12.75
C ASP A 293 -8.70 9.98 -13.49
N HIS A 294 -9.95 9.92 -13.04
CA HIS A 294 -10.82 8.89 -13.55
C HIS A 294 -12.07 9.36 -14.28
N TYR A 295 -12.11 10.61 -14.75
CA TYR A 295 -13.32 11.10 -15.37
C TYR A 295 -13.62 10.32 -16.61
N GLY A 296 -12.60 9.71 -17.23
CA GLY A 296 -12.81 8.77 -18.30
C GLY A 296 -13.86 7.69 -17.99
N SER A 297 -14.03 7.31 -16.74
CA SER A 297 -15.06 6.34 -16.32
C SER A 297 -16.51 6.88 -16.19
N TYR A 298 -16.66 8.20 -16.23
CA TYR A 298 -17.95 8.76 -15.93
C TYR A 298 -19.16 8.17 -16.71
N PRO A 299 -19.07 8.05 -18.03
CA PRO A 299 -20.21 7.48 -18.77
C PRO A 299 -20.68 6.13 -18.22
N GLU A 300 -19.76 5.14 -18.08
CA GLU A 300 -20.17 3.83 -17.58
C GLU A 300 -20.80 4.01 -16.19
N PHE A 301 -20.20 4.85 -15.38
CA PHE A 301 -20.68 5.09 -14.01
C PHE A 301 -22.08 5.72 -13.98
N GLU A 302 -22.25 6.83 -14.69
CA GLU A 302 -23.51 7.57 -14.70
C GLU A 302 -24.62 6.71 -15.27
N GLU A 303 -24.33 5.96 -16.32
CA GLU A 303 -25.24 4.96 -16.86
C GLU A 303 -25.68 4.02 -15.74
N LYS A 304 -24.72 3.40 -15.04
CA LYS A 304 -25.11 2.48 -13.94
C LYS A 304 -25.88 3.26 -12.85
N VAL A 305 -25.40 4.42 -12.41
CA VAL A 305 -26.02 5.07 -11.20
C VAL A 305 -27.35 5.77 -11.48
N VAL A 306 -27.49 6.39 -12.64
CA VAL A 306 -28.77 6.97 -13.00
C VAL A 306 -29.86 5.92 -12.97
N GLN A 307 -29.57 4.72 -13.50
CA GLN A 307 -30.57 3.65 -13.56
C GLN A 307 -30.93 3.18 -12.16
N LEU A 308 -29.93 2.97 -11.30
CA LEU A 308 -30.18 2.64 -9.87
C LEU A 308 -31.07 3.64 -9.14
N ILE A 309 -30.81 4.91 -9.38
CA ILE A 309 -31.58 5.98 -8.77
C ILE A 309 -32.99 5.97 -9.29
N LYS A 310 -33.12 5.92 -10.61
CA LYS A 310 -34.46 5.96 -11.27
C LYS A 310 -35.27 4.72 -10.97
N GLU A 311 -34.60 3.64 -10.53
CA GLU A 311 -35.28 2.42 -10.11
C GLU A 311 -35.35 2.29 -8.60
N GLU A 312 -34.90 3.30 -7.86
CA GLU A 312 -34.84 3.16 -6.38
C GLU A 312 -34.14 1.94 -5.83
N LYS A 313 -33.10 1.47 -6.50
CA LYS A 313 -32.27 0.40 -5.93
C LYS A 313 -30.98 0.90 -5.31
N ILE A 314 -30.81 2.21 -5.20
CA ILE A 314 -29.82 2.78 -4.30
C ILE A 314 -30.49 3.91 -3.51
N LYS A 315 -30.06 4.08 -2.29
CA LYS A 315 -30.60 5.07 -1.40
C LYS A 315 -29.56 6.12 -1.14
N TYR A 316 -30.01 7.32 -0.91
CA TYR A 316 -29.06 8.40 -0.77
C TYR A 316 -29.62 9.40 0.21
N LEU A 317 -28.78 9.89 1.11
CA LEU A 317 -29.21 10.88 2.09
C LEU A 317 -28.38 12.15 1.98
N GLU A 318 -29.06 13.25 1.71
CA GLU A 318 -28.40 14.56 1.70
C GLU A 318 -28.70 15.28 2.96
N ASP A 319 -27.68 16.00 3.45
CA ASP A 319 -27.76 17.02 4.49
C ASP A 319 -27.69 18.40 3.82
N ILE A 320 -28.80 19.13 3.93
CA ILE A 320 -28.99 20.34 3.19
C ILE A 320 -28.97 21.52 4.16
N VAL A 321 -28.29 22.57 3.72
CA VAL A 321 -28.14 23.79 4.46
C VAL A 321 -28.64 24.86 3.47
N GLU A 322 -29.50 25.77 3.95
CA GLU A 322 -30.07 26.78 3.08
C GLU A 322 -29.33 28.10 3.14
N GLY A 323 -28.80 28.51 1.99
CA GLY A 323 -28.21 29.84 1.81
C GLY A 323 -26.69 29.83 1.70
N LEU A 324 -26.17 30.65 0.79
CA LEU A 324 -24.72 30.83 0.70
C LEU A 324 -24.08 31.13 2.04
N GLU A 325 -24.74 31.97 2.83
CA GLU A 325 -24.17 32.44 4.10
C GLU A 325 -23.74 31.28 5.03
N ASN A 326 -24.44 30.15 4.93
CA ASN A 326 -24.21 29.05 5.84
C ASN A 326 -23.19 28.06 5.31
N ALA A 327 -22.57 28.35 4.16
CA ALA A 327 -21.55 27.47 3.60
C ALA A 327 -20.35 27.22 4.53
N PRO A 328 -19.78 28.28 5.12
CA PRO A 328 -18.58 28.07 5.90
C PRO A 328 -18.80 27.15 7.08
N ALA A 329 -19.79 27.44 7.92
CA ALA A 329 -20.05 26.55 9.04
C ALA A 329 -20.32 25.13 8.58
N ALA A 330 -21.01 24.96 7.46
CA ALA A 330 -21.33 23.63 7.02
C ALA A 330 -20.05 22.86 6.69
N LEU A 331 -19.10 23.53 6.06
CA LEU A 331 -17.81 22.95 5.77
C LEU A 331 -17.02 22.52 7.06
N ILE A 332 -16.90 23.44 8.01
CA ILE A 332 -16.36 23.15 9.34
C ILE A 332 -17.06 21.96 9.98
N GLY A 333 -18.40 21.94 9.92
CA GLY A 333 -19.19 20.82 10.48
C GLY A 333 -18.72 19.41 10.05
N LEU A 334 -18.18 19.28 8.84
CA LEU A 334 -17.77 17.95 8.36
C LEU A 334 -16.74 17.29 9.23
N PHE A 335 -15.81 18.10 9.77
CA PHE A 335 -14.70 17.55 10.56
C PHE A 335 -15.15 17.37 11.99
N GLU A 336 -16.34 17.80 12.30
CA GLU A 336 -16.92 17.37 13.60
C GLU A 336 -17.97 16.29 13.39
N GLY A 337 -18.25 15.88 12.15
CA GLY A 337 -19.32 14.91 11.91
C GLY A 337 -20.74 15.45 12.13
N ARG A 338 -20.92 16.77 11.98
CA ARG A 338 -22.25 17.38 12.06
C ARG A 338 -23.09 16.90 10.85
N ASN A 339 -22.51 16.87 9.64
CA ASN A 339 -23.26 16.45 8.49
C ASN A 339 -23.83 15.05 8.70
N VAL A 340 -25.12 14.89 8.42
CA VAL A 340 -25.77 13.59 8.42
C VAL A 340 -26.19 13.30 6.96
N GLY A 341 -25.38 12.49 6.31
CA GLY A 341 -25.36 12.37 4.83
C GLY A 341 -24.48 13.41 4.14
N LYS A 342 -24.68 13.58 2.83
CA LYS A 342 -23.82 14.37 1.97
C LYS A 342 -24.15 15.85 2.11
N GLN A 343 -23.16 16.63 2.51
CA GLN A 343 -23.38 18.03 2.86
C GLN A 343 -23.49 18.90 1.62
N VAL A 344 -24.69 19.47 1.44
CA VAL A 344 -25.02 20.32 0.33
C VAL A 344 -25.36 21.69 0.89
N VAL A 345 -25.06 22.71 0.09
CA VAL A 345 -25.49 24.07 0.39
C VAL A 345 -26.33 24.55 -0.81
N VAL A 346 -27.58 24.89 -0.53
CA VAL A 346 -28.42 25.50 -1.52
C VAL A 346 -28.04 26.98 -1.65
N VAL A 347 -27.62 27.39 -2.82
CA VAL A 347 -27.38 28.80 -3.03
C VAL A 347 -28.66 29.47 -3.59
N SER A 348 -29.36 28.82 -4.52
CA SER A 348 -30.57 29.39 -5.13
C SER A 348 -31.23 28.23 -5.83
N ARG A 349 -32.48 27.94 -5.51
CA ARG A 349 -33.14 26.78 -6.10
C ARG A 349 -33.63 27.12 -7.48
N GLU A 350 -33.46 26.22 -8.44
CA GLU A 350 -33.77 26.52 -9.88
C GLU A 350 -35.23 26.77 -10.05
N LYS A 351 -35.56 27.55 -11.09
CA LYS A 351 -36.91 28.09 -11.25
C LYS A 351 -37.89 26.92 -11.52
N GLY A 352 -39.06 26.95 -10.87
CA GLY A 352 -40.12 25.95 -11.11
C GLY A 352 -39.98 24.60 -10.40
N HIS A 353 -38.92 24.44 -9.61
CA HIS A 353 -38.90 23.35 -8.64
C HIS A 353 -40.28 23.34 -7.99
N HIS A 354 -40.60 22.16 -7.51
CA HIS A 354 -41.85 21.92 -6.84
C HIS A 354 -41.72 20.63 -6.01
N HIS A 355 -40.52 20.36 -5.51
CA HIS A 355 -40.37 19.14 -4.76
C HIS A 355 -40.52 19.37 -3.24
N HIS A 356 -41.25 18.48 -2.59
CA HIS A 356 -41.52 18.61 -1.15
C HIS A 356 -40.35 18.09 -0.38
N HIS A 357 -40.30 18.41 0.92
CA HIS A 357 -39.39 17.74 1.86
C HIS A 357 -39.85 17.97 3.28
N HIS A 358 -39.10 17.41 4.23
CA HIS A 358 -39.36 17.57 5.66
C HIS A 358 -38.25 18.40 6.31
N VAL B 7 25.73 -49.18 8.02
CA VAL B 7 26.55 -47.94 7.75
C VAL B 7 26.02 -46.71 8.52
N VAL B 8 26.23 -46.63 9.84
CA VAL B 8 25.84 -45.41 10.63
C VAL B 8 26.99 -44.35 10.73
N VAL B 9 26.64 -43.05 10.63
CA VAL B 9 27.65 -41.96 10.75
C VAL B 9 27.31 -40.87 11.74
N VAL B 10 28.33 -40.06 12.06
CA VAL B 10 28.14 -38.85 12.86
C VAL B 10 27.28 -37.79 12.16
N ASN B 11 26.31 -37.25 12.89
CA ASN B 11 25.47 -36.19 12.41
C ASN B 11 25.34 -35.05 13.40
N LYS B 12 26.20 -34.04 13.24
CA LYS B 12 26.17 -32.86 14.10
C LYS B 12 24.94 -32.02 13.73
N GLN B 13 24.37 -31.35 14.73
CA GLN B 13 23.16 -30.57 14.56
C GLN B 13 23.32 -29.27 15.31
N VAL B 14 22.63 -28.25 14.80
CA VAL B 14 22.41 -26.99 15.50
C VAL B 14 20.90 -26.85 15.89
N LEU B 15 20.67 -26.90 17.20
CA LEU B 15 19.35 -26.91 17.80
C LEU B 15 18.94 -25.52 18.22
N LEU B 16 17.64 -25.24 18.23
CA LEU B 16 17.14 -24.07 18.96
C LEU B 16 17.16 -24.41 20.44
N LYS B 17 17.82 -23.57 21.23
CA LYS B 17 17.90 -23.85 22.65
C LYS B 17 16.53 -23.49 23.23
N HIS B 18 16.06 -22.28 22.95
CA HIS B 18 14.77 -21.85 23.43
C HIS B 18 14.12 -20.81 22.56
N PHE B 19 12.86 -20.57 22.85
CA PHE B 19 12.12 -19.49 22.25
C PHE B 19 12.79 -18.22 22.77
N ILE B 20 12.62 -17.10 22.07
CA ILE B 20 13.07 -15.81 22.56
C ILE B 20 11.89 -14.82 22.54
N PRO B 21 11.94 -13.80 23.42
CA PRO B 21 10.88 -12.79 23.42
C PRO B 21 11.06 -11.78 22.27
N GLU B 22 10.16 -10.80 22.21
CA GLU B 22 10.43 -9.55 21.50
C GLU B 22 11.90 -9.15 21.77
N GLY B 23 12.62 -8.74 20.75
CA GLY B 23 14.01 -8.29 20.94
C GLY B 23 14.96 -9.00 19.99
N ALA B 24 16.27 -8.92 20.31
CA ALA B 24 17.29 -9.37 19.40
C ALA B 24 17.71 -10.80 19.73
N PRO B 25 17.85 -11.62 18.70
CA PRO B 25 18.40 -12.92 18.93
C PRO B 25 19.91 -12.81 19.11
N LYS B 26 20.49 -13.89 19.62
CA LYS B 26 21.93 -13.98 19.84
C LYS B 26 22.44 -15.40 19.69
N GLU B 27 23.77 -15.50 19.51
CA GLU B 27 24.42 -16.78 19.22
C GLU B 27 24.04 -17.85 20.18
N THR B 28 23.88 -17.48 21.44
CA THR B 28 23.62 -18.45 22.47
C THR B 28 22.20 -18.94 22.58
N ASP B 29 21.30 -18.45 21.73
CA ASP B 29 19.98 -19.04 21.62
C ASP B 29 20.00 -20.38 20.84
N MET B 30 21.17 -20.81 20.38
CA MET B 30 21.38 -22.00 19.56
C MET B 30 22.48 -22.83 20.19
N GLU B 31 22.42 -24.14 20.07
CA GLU B 31 23.53 -24.95 20.54
C GLU B 31 23.85 -25.99 19.50
N LEU B 32 25.14 -26.24 19.33
CA LEU B 32 25.68 -27.31 18.51
C LEU B 32 25.86 -28.53 19.34
N VAL B 33 25.37 -29.65 18.83
CA VAL B 33 25.40 -30.93 19.48
C VAL B 33 26.14 -31.90 18.58
N THR B 34 27.06 -32.70 19.15
CA THR B 34 28.03 -33.53 18.38
C THR B 34 27.94 -35.07 18.57
N THR B 35 27.18 -35.52 19.56
CA THR B 35 27.04 -36.94 19.88
C THR B 35 26.06 -37.69 18.93
N GLY B 36 25.03 -37.02 18.45
CA GLY B 36 24.06 -37.69 17.56
C GLY B 36 24.67 -38.39 16.33
N THR B 37 24.00 -39.43 15.86
CA THR B 37 24.41 -40.21 14.66
C THR B 37 23.20 -40.50 13.75
N ILE B 38 23.45 -40.96 12.51
CA ILE B 38 22.37 -41.29 11.58
C ILE B 38 22.75 -42.46 10.66
N ARG B 39 21.75 -43.27 10.31
CA ARG B 39 21.94 -44.42 9.40
C ARG B 39 21.79 -43.86 7.98
N LEU B 40 22.65 -44.29 7.04
CA LEU B 40 22.72 -43.72 5.68
C LEU B 40 21.77 -44.40 4.67
N ARG B 41 20.58 -44.78 5.10
CA ARG B 41 19.60 -45.41 4.21
C ARG B 41 18.31 -44.83 4.68
N VAL B 42 17.30 -44.77 3.83
CA VAL B 42 15.97 -44.34 4.28
C VAL B 42 15.25 -45.60 4.77
N PRO B 43 14.20 -45.44 5.61
CA PRO B 43 13.51 -46.63 6.09
C PRO B 43 12.73 -47.32 4.97
N GLU B 44 12.62 -48.65 5.05
CA GLU B 44 11.79 -49.43 4.12
C GLU B 44 10.33 -48.92 4.24
N GLY B 45 9.62 -48.91 3.11
CA GLY B 45 8.24 -48.40 3.04
C GLY B 45 8.05 -46.91 3.25
N SER B 46 9.14 -46.20 3.52
CA SER B 46 9.11 -44.76 3.69
C SER B 46 8.83 -44.17 2.32
N ASN B 47 8.46 -42.89 2.31
CA ASN B 47 8.38 -42.07 1.10
C ASN B 47 9.21 -40.78 1.30
N ALA B 48 10.52 -40.92 1.12
CA ALA B 48 11.47 -39.97 1.64
C ALA B 48 12.73 -39.82 0.78
N VAL B 49 13.59 -38.91 1.24
CA VAL B 49 14.82 -38.57 0.60
C VAL B 49 15.84 -38.17 1.66
N LEU B 50 16.95 -38.91 1.69
CA LEU B 50 17.96 -38.67 2.67
C LEU B 50 19.02 -37.84 1.99
N LEU B 51 19.31 -36.70 2.60
CA LEU B 51 20.20 -35.73 2.05
C LEU B 51 21.46 -35.67 2.87
N LYS B 52 22.58 -35.54 2.16
CA LYS B 52 23.80 -35.00 2.73
C LYS B 52 23.75 -33.53 2.45
N ASN B 53 23.75 -32.76 3.52
CA ASN B 53 23.56 -31.35 3.38
C ASN B 53 24.86 -30.63 3.04
N LEU B 54 24.86 -29.80 1.99
CA LEU B 54 26.10 -29.20 1.51
C LEU B 54 26.23 -27.78 1.94
N TYR B 55 25.23 -26.95 1.59
CA TYR B 55 25.26 -25.55 1.82
C TYR B 55 23.94 -25.07 2.52
N LEU B 56 24.09 -24.06 3.38
CA LEU B 56 22.95 -23.49 4.09
C LEU B 56 22.95 -22.03 3.90
N SER B 57 21.74 -21.48 3.74
CA SER B 57 21.49 -20.05 3.62
C SER B 57 21.17 -19.50 5.00
N CYS B 58 21.75 -18.36 5.39
CA CYS B 58 21.16 -17.53 6.45
C CYS B 58 20.34 -16.47 5.77
N ASP B 59 19.08 -16.36 6.25
CA ASP B 59 18.09 -15.47 5.72
C ASP B 59 17.44 -14.70 6.89
N PRO B 60 17.19 -13.40 6.71
CA PRO B 60 16.51 -12.56 7.75
C PRO B 60 15.16 -13.08 8.31
N TYR B 61 14.32 -13.69 7.48
CA TYR B 61 13.01 -14.21 7.97
C TYR B 61 13.19 -15.27 9.09
N MET B 62 14.38 -15.87 9.20
CA MET B 62 14.62 -16.93 10.18
C MET B 62 14.44 -16.43 11.61
N ARG B 63 14.70 -15.16 11.83
CA ARG B 63 14.64 -14.60 13.16
C ARG B 63 13.24 -14.82 13.75
N MET B 64 12.19 -14.50 12.97
CA MET B 64 10.81 -14.60 13.44
C MET B 64 10.41 -15.99 13.86
N ARG B 65 11.12 -16.99 13.32
CA ARG B 65 10.83 -18.40 13.67
C ARG B 65 11.39 -18.80 15.04
N MET B 66 12.22 -17.96 15.63
CA MET B 66 12.76 -18.23 16.96
C MET B 66 11.80 -17.73 18.09
N THR B 67 10.65 -17.16 17.74
CA THR B 67 9.65 -16.66 18.69
C THR B 67 8.32 -17.47 18.60
N LYS B 68 7.74 -17.81 19.76
CA LYS B 68 6.50 -18.64 19.79
C LYS B 68 5.34 -17.83 19.25
N HIS B 69 4.50 -18.43 18.41
CA HIS B 69 3.31 -17.73 17.86
C HIS B 69 2.08 -18.58 18.14
N GLU B 70 1.19 -18.09 19.00
CA GLU B 70 -0.02 -18.84 19.30
C GLU B 70 -0.95 -18.88 18.06
N GLU B 71 -0.97 -17.81 17.26
CA GLU B 71 -1.59 -17.79 15.92
C GLU B 71 -0.53 -18.04 14.83
N ALA B 72 -0.90 -18.78 13.79
CA ALA B 72 0.08 -19.29 12.81
C ALA B 72 0.57 -18.24 11.80
N SER B 73 1.85 -17.84 11.90
CA SER B 73 2.53 -17.09 10.82
C SER B 73 2.60 -17.96 9.55
N TYR B 74 3.23 -17.45 8.49
CA TYR B 74 3.28 -18.14 7.19
C TYR B 74 3.98 -19.49 7.30
N VAL B 75 4.83 -19.59 8.32
CA VAL B 75 5.72 -20.73 8.51
C VAL B 75 5.78 -21.10 9.99
N ASP B 76 5.91 -22.40 10.27
CA ASP B 76 5.90 -22.83 11.66
C ASP B 76 7.07 -22.23 12.46
N ASP B 77 6.84 -22.05 13.74
CA ASP B 77 7.91 -21.62 14.64
C ASP B 77 8.94 -22.75 14.67
N PHE B 78 10.20 -22.44 14.87
CA PHE B 78 11.15 -23.49 15.25
C PHE B 78 10.66 -24.23 16.51
N VAL B 79 11.30 -25.34 16.84
CA VAL B 79 10.91 -26.10 18.03
C VAL B 79 12.14 -26.23 18.90
N PRO B 80 12.08 -25.78 20.17
CA PRO B 80 13.26 -25.99 21.04
C PRO B 80 13.71 -27.46 21.15
N GLY B 81 15.03 -27.73 21.20
CA GLY B 81 15.57 -29.11 21.17
C GLY B 81 15.58 -29.75 19.79
N ALA B 82 14.99 -29.09 18.82
CA ALA B 82 14.95 -29.65 17.48
C ALA B 82 15.85 -28.80 16.61
N PRO B 83 16.35 -29.36 15.49
CA PRO B 83 17.32 -28.60 14.67
C PRO B 83 16.70 -27.30 14.11
N ILE B 84 17.51 -26.25 13.96
CA ILE B 84 17.20 -25.17 13.08
C ILE B 84 17.00 -25.70 11.64
N THR B 85 16.11 -25.04 10.91
CA THR B 85 15.83 -25.40 9.52
C THR B 85 15.85 -24.10 8.75
N GLY B 86 16.15 -24.25 7.46
CA GLY B 86 16.22 -23.13 6.52
C GLY B 86 16.57 -23.65 5.15
N PHE B 87 16.62 -22.79 4.15
CA PHE B 87 16.96 -23.21 2.82
C PHE B 87 18.41 -23.65 2.81
N GLY B 88 18.66 -24.60 1.91
CA GLY B 88 20.00 -25.03 1.66
C GLY B 88 20.08 -25.88 0.45
N VAL B 89 21.24 -26.53 0.28
CA VAL B 89 21.46 -27.35 -0.90
C VAL B 89 21.97 -28.62 -0.39
N GLY B 90 21.47 -29.70 -0.94
CA GLY B 90 21.72 -31.04 -0.46
C GLY B 90 21.99 -32.03 -1.59
N LYS B 91 22.68 -33.10 -1.25
CA LYS B 91 22.88 -34.21 -2.17
C LYS B 91 22.10 -35.42 -1.67
N VAL B 92 21.39 -36.05 -2.61
CA VAL B 92 20.59 -37.23 -2.30
C VAL B 92 21.50 -38.46 -2.09
N VAL B 93 21.46 -39.05 -0.89
CA VAL B 93 22.21 -40.21 -0.54
C VAL B 93 21.37 -41.44 -0.82
N ASP B 94 20.09 -41.37 -0.49
CA ASP B 94 19.20 -42.49 -0.66
C ASP B 94 17.79 -41.94 -0.78
N SER B 95 16.92 -42.64 -1.50
CA SER B 95 15.61 -42.09 -1.85
C SER B 95 14.55 -43.14 -2.07
N SER B 96 13.44 -43.06 -1.35
CA SER B 96 12.30 -43.92 -1.59
C SER B 96 11.16 -43.18 -2.28
N HIS B 97 11.45 -42.00 -2.84
CA HIS B 97 10.45 -41.16 -3.54
C HIS B 97 10.84 -41.13 -5.01
N PRO B 98 9.89 -41.43 -5.91
CA PRO B 98 10.18 -41.56 -7.35
C PRO B 98 10.95 -40.40 -7.97
N ASP B 99 10.60 -39.15 -7.64
CA ASP B 99 11.19 -38.02 -8.39
C ASP B 99 12.63 -37.67 -8.01
N PHE B 100 13.23 -38.39 -7.07
CA PHE B 100 14.58 -38.07 -6.63
C PHE B 100 15.45 -39.34 -6.62
N LYS B 101 16.66 -39.25 -7.20
CA LYS B 101 17.58 -40.41 -7.22
C LYS B 101 18.93 -40.11 -6.53
N THR B 102 19.57 -41.15 -5.99
CA THR B 102 20.96 -41.07 -5.47
C THR B 102 21.91 -40.33 -6.41
N GLY B 103 22.71 -39.40 -5.87
CA GLY B 103 23.56 -38.52 -6.69
C GLY B 103 22.91 -37.21 -7.17
N ASP B 104 21.57 -37.10 -7.18
CA ASP B 104 20.93 -35.79 -7.47
C ASP B 104 21.28 -34.72 -6.41
N TYR B 105 21.23 -33.47 -6.86
CA TYR B 105 21.38 -32.30 -6.06
C TYR B 105 20.03 -31.60 -6.05
N VAL B 106 19.67 -31.08 -4.88
CA VAL B 106 18.39 -30.35 -4.64
C VAL B 106 18.57 -29.16 -3.72
N TRP B 107 17.63 -28.23 -3.82
CA TRP B 107 17.49 -27.16 -2.82
C TRP B 107 16.07 -27.06 -2.26
N GLY B 108 15.95 -26.50 -1.08
CA GLY B 108 14.64 -26.45 -0.35
C GLY B 108 14.99 -26.33 1.13
N LEU B 109 13.98 -26.42 1.96
CA LEU B 109 14.13 -26.32 3.41
C LEU B 109 14.78 -27.54 3.98
N ILE B 110 15.93 -27.40 4.63
CA ILE B 110 16.59 -28.62 5.16
C ILE B 110 17.05 -28.32 6.54
N GLY B 111 17.53 -29.34 7.22
CA GLY B 111 17.98 -29.22 8.62
C GLY B 111 19.40 -28.63 8.75
N TRP B 112 19.63 -27.90 9.85
CA TRP B 112 20.96 -27.35 10.19
C TRP B 112 21.77 -28.44 10.84
N GLU B 113 22.22 -29.36 10.01
CA GLU B 113 22.84 -30.61 10.46
C GLU B 113 23.54 -31.20 9.22
N GLU B 114 24.20 -32.33 9.37
CA GLU B 114 25.05 -32.86 8.30
C GLU B 114 24.22 -33.72 7.31
N TYR B 115 23.14 -34.33 7.80
CA TYR B 115 22.25 -35.23 7.02
C TYR B 115 20.80 -34.99 7.47
N SER B 116 19.86 -34.84 6.51
CA SER B 116 18.43 -34.59 6.80
C SER B 116 17.59 -35.62 6.06
N LEU B 117 16.78 -36.35 6.81
CA LEU B 117 15.89 -37.28 6.20
C LEU B 117 14.61 -36.49 6.00
N ILE B 118 14.29 -36.24 4.74
CA ILE B 118 13.17 -35.41 4.34
C ILE B 118 11.96 -36.31 4.05
N THR B 119 10.94 -36.24 4.92
CA THR B 119 9.66 -36.95 4.69
C THR B 119 8.61 -36.15 3.88
N LYS B 120 8.88 -34.90 3.50
CA LYS B 120 8.00 -34.11 2.61
C LYS B 120 8.72 -33.72 1.32
N PRO B 121 9.07 -34.70 0.48
CA PRO B 121 9.98 -34.45 -0.63
C PRO B 121 9.44 -33.45 -1.65
N GLN B 122 8.12 -33.29 -1.70
CA GLN B 122 7.52 -32.33 -2.63
C GLN B 122 7.94 -30.86 -2.35
N GLY B 123 8.42 -30.53 -1.14
CA GLY B 123 9.11 -29.23 -0.89
C GLY B 123 10.48 -28.99 -1.60
N LEU B 124 11.12 -30.04 -2.11
CA LEU B 124 12.47 -29.96 -2.68
C LEU B 124 12.41 -29.66 -4.12
N PHE B 125 13.48 -29.05 -4.67
CA PHE B 125 13.57 -28.72 -6.08
C PHE B 125 14.91 -29.30 -6.59
N LYS B 126 14.83 -30.10 -7.68
CA LYS B 126 16.04 -30.68 -8.27
C LYS B 126 16.77 -29.57 -8.99
N ILE B 127 18.09 -29.65 -8.93
CA ILE B 127 18.97 -28.66 -9.55
C ILE B 127 19.35 -29.24 -10.91
N HIS B 128 19.15 -28.44 -11.96
CA HIS B 128 19.33 -28.87 -13.37
C HIS B 128 20.58 -28.30 -14.04
N HIS B 129 21.26 -27.40 -13.36
CA HIS B 129 22.47 -26.80 -13.88
C HIS B 129 23.55 -27.04 -12.83
N THR B 130 24.18 -28.21 -12.91
CA THR B 130 25.25 -28.49 -11.96
C THR B 130 26.58 -27.87 -12.35
N GLU B 131 26.64 -27.23 -13.52
CA GLU B 131 27.83 -26.49 -13.93
C GLU B 131 27.98 -25.19 -13.16
N ILE B 132 26.89 -24.68 -12.61
CA ILE B 132 26.90 -23.44 -11.83
C ILE B 132 27.27 -23.84 -10.43
N PRO B 133 27.99 -22.97 -9.70
CA PRO B 133 28.33 -23.38 -8.32
C PRO B 133 27.02 -23.63 -7.50
N LEU B 134 27.00 -24.73 -6.78
CA LEU B 134 25.81 -25.22 -6.17
C LEU B 134 25.35 -24.29 -5.09
N SER B 135 26.29 -23.61 -4.44
CA SER B 135 25.96 -22.62 -3.44
C SER B 135 25.00 -21.53 -4.00
N TYR B 136 25.04 -21.25 -5.30
CA TYR B 136 24.14 -20.24 -5.90
C TYR B 136 22.66 -20.56 -5.65
N TYR B 137 22.39 -21.84 -5.46
CA TYR B 137 21.01 -22.25 -5.21
C TYR B 137 20.53 -22.06 -3.76
N THR B 138 21.38 -21.49 -2.89
CA THR B 138 20.98 -20.96 -1.58
C THR B 138 20.63 -19.49 -1.65
N GLY B 139 20.95 -18.86 -2.78
CA GLY B 139 20.70 -17.44 -2.99
C GLY B 139 20.19 -17.03 -4.35
N ILE B 140 21.07 -16.53 -5.21
CA ILE B 140 20.70 -15.96 -6.46
C ILE B 140 19.80 -16.88 -7.30
N LEU B 141 19.99 -18.20 -7.23
CA LEU B 141 19.22 -19.17 -7.97
C LEU B 141 18.21 -19.89 -7.08
N GLY B 142 18.08 -19.43 -5.83
CA GLY B 142 17.21 -20.11 -4.87
C GLY B 142 16.14 -19.10 -4.46
N MET B 143 15.78 -19.13 -3.19
CA MET B 143 14.60 -18.41 -2.69
C MET B 143 14.85 -16.90 -2.87
N VAL B 144 16.08 -16.49 -2.62
CA VAL B 144 16.48 -15.07 -2.61
C VAL B 144 16.35 -14.41 -3.99
N GLY B 145 16.88 -15.09 -5.00
CA GLY B 145 16.72 -14.62 -6.36
C GLY B 145 15.28 -14.56 -6.79
N LEU B 146 14.51 -15.58 -6.50
CA LEU B 146 13.10 -15.58 -6.92
C LEU B 146 12.31 -14.40 -6.29
N THR B 147 12.71 -14.02 -5.08
CA THR B 147 12.13 -12.90 -4.40
C THR B 147 12.36 -11.61 -5.16
N ALA B 148 13.61 -11.38 -5.49
CA ALA B 148 13.96 -10.23 -6.27
C ALA B 148 13.19 -10.17 -7.60
N TYR B 149 13.09 -11.31 -8.25
CA TYR B 149 12.49 -11.37 -9.58
C TYR B 149 10.99 -11.11 -9.45
N VAL B 150 10.33 -11.73 -8.50
CA VAL B 150 8.87 -11.51 -8.36
C VAL B 150 8.62 -10.07 -7.94
N GLY B 151 9.34 -9.65 -6.92
CA GLY B 151 9.24 -8.30 -6.38
C GLY B 151 9.40 -7.21 -7.39
N PHE B 152 10.45 -7.30 -8.21
CA PHE B 152 10.70 -6.25 -9.14
C PHE B 152 9.82 -6.36 -10.40
N TYR B 153 9.87 -7.52 -11.05
CA TYR B 153 9.25 -7.66 -12.35
C TYR B 153 7.74 -7.63 -12.26
N ASP B 154 7.21 -8.23 -11.22
CA ASP B 154 5.77 -8.31 -11.04
C ASP B 154 5.25 -7.19 -10.15
N ILE B 155 5.52 -7.23 -8.84
CA ILE B 155 4.99 -6.22 -7.92
C ILE B 155 5.31 -4.75 -8.28
N CYS B 156 6.53 -4.42 -8.73
CA CYS B 156 6.91 -3.03 -8.96
C CYS B 156 6.40 -2.42 -10.25
N SER B 157 5.84 -3.25 -11.14
CA SER B 157 5.33 -2.80 -12.44
C SER B 157 6.19 -1.83 -13.19
N PRO B 158 7.46 -2.19 -13.40
CA PRO B 158 8.40 -1.23 -13.86
C PRO B 158 8.29 -0.87 -15.33
N LYS B 159 8.76 0.34 -15.63
CA LYS B 159 8.76 0.89 -16.98
C LYS B 159 10.15 1.52 -17.20
N LYS B 160 10.73 1.21 -18.36
CA LYS B 160 12.00 1.81 -18.81
C LYS B 160 12.07 3.28 -18.44
N GLY B 161 13.13 3.69 -17.73
CA GLY B 161 13.33 5.11 -17.42
C GLY B 161 12.74 5.64 -16.11
N GLU B 162 12.13 4.75 -15.33
CA GLU B 162 11.70 5.10 -13.99
C GLU B 162 12.86 5.02 -13.00
N ARG B 163 12.68 5.75 -11.90
CA ARG B 163 13.62 6.00 -10.84
C ARG B 163 13.31 5.07 -9.69
N VAL B 164 14.35 4.32 -9.30
CA VAL B 164 14.24 3.21 -8.40
C VAL B 164 15.16 3.39 -7.18
N PHE B 165 14.58 3.22 -6.00
CA PHE B 165 15.35 3.22 -4.78
C PHE B 165 15.21 1.87 -4.14
N VAL B 166 16.33 1.36 -3.61
CA VAL B 166 16.39 0.08 -2.93
C VAL B 166 17.03 0.23 -1.56
N SER B 167 16.30 -0.10 -0.51
CA SER B 167 16.94 -0.23 0.79
C SER B 167 17.60 -1.64 1.02
N ALA B 168 18.48 -1.73 2.01
CA ALA B 168 19.38 -2.88 2.16
C ALA B 168 19.97 -3.28 0.83
N ALA B 169 20.35 -2.29 0.04
CA ALA B 169 20.71 -2.54 -1.35
C ALA B 169 21.90 -3.49 -1.57
N ALA B 170 22.79 -3.60 -0.61
CA ALA B 170 24.01 -4.45 -0.83
C ALA B 170 23.76 -5.86 -0.36
N GLY B 171 22.60 -6.04 0.28
CA GLY B 171 22.10 -7.32 0.68
C GLY B 171 21.73 -8.20 -0.49
N ALA B 172 21.36 -9.45 -0.20
CA ALA B 172 21.21 -10.45 -1.27
C ALA B 172 20.12 -10.08 -2.22
N VAL B 173 18.92 -9.86 -1.68
CA VAL B 173 17.79 -9.49 -2.51
C VAL B 173 18.07 -8.23 -3.22
N GLY B 174 18.55 -7.24 -2.49
CA GLY B 174 18.66 -5.90 -3.03
C GLY B 174 19.73 -5.74 -4.07
N GLN B 175 20.83 -6.50 -3.95
CA GLN B 175 21.88 -6.44 -4.99
C GLN B 175 21.36 -7.02 -6.32
N ILE B 176 20.45 -8.00 -6.24
CA ILE B 176 19.86 -8.58 -7.47
C ILE B 176 18.82 -7.56 -8.08
N VAL B 177 17.99 -7.02 -7.21
CA VAL B 177 16.97 -6.03 -7.62
C VAL B 177 17.60 -4.89 -8.38
N GLY B 178 18.62 -4.29 -7.80
CA GLY B 178 19.28 -3.21 -8.41
C GLY B 178 19.81 -3.51 -9.81
N GLN B 179 20.31 -4.72 -10.03
CA GLN B 179 20.80 -5.08 -11.33
C GLN B 179 19.64 -5.35 -12.29
N PHE B 180 18.64 -6.09 -11.84
CA PHE B 180 17.43 -6.27 -12.69
C PHE B 180 16.90 -4.92 -13.15
N ALA B 181 16.93 -3.95 -12.25
CA ALA B 181 16.37 -2.64 -12.50
C ALA B 181 17.28 -1.90 -13.46
N LYS B 182 18.60 -1.92 -13.22
CA LYS B 182 19.50 -1.20 -14.11
C LYS B 182 19.39 -1.81 -15.51
N GLN B 183 19.29 -3.12 -15.59
CA GLN B 183 19.17 -3.76 -16.89
C GLN B 183 17.85 -3.52 -17.52
N PHE B 184 16.83 -3.16 -16.72
CA PHE B 184 15.53 -2.78 -17.30
C PHE B 184 15.49 -1.38 -17.87
N GLY B 185 16.61 -0.68 -17.82
CA GLY B 185 16.69 0.72 -18.24
C GLY B 185 16.27 1.74 -17.19
N CYS B 186 16.43 1.44 -15.91
CA CYS B 186 16.00 2.35 -14.82
C CYS B 186 17.17 3.08 -14.18
N TYR B 187 16.89 4.26 -13.61
CA TYR B 187 17.90 4.94 -12.74
C TYR B 187 17.80 4.36 -11.31
N VAL B 188 18.92 3.89 -10.76
CA VAL B 188 18.90 3.07 -9.52
C VAL B 188 19.83 3.64 -8.46
N VAL B 189 19.31 3.75 -7.24
CA VAL B 189 20.07 4.24 -6.08
C VAL B 189 19.83 3.24 -5.00
N GLY B 190 20.80 3.05 -4.11
CA GLY B 190 20.66 2.10 -3.01
C GLY B 190 21.12 2.67 -1.69
N SER B 191 20.55 2.21 -0.56
CA SER B 191 21.06 2.62 0.76
C SER B 191 21.70 1.40 1.39
N ALA B 192 22.81 1.58 2.10
CA ALA B 192 23.43 0.50 2.86
C ALA B 192 24.04 1.13 4.10
N GLY B 193 24.38 0.28 5.07
CA GLY B 193 24.92 0.66 6.38
C GLY B 193 26.48 0.66 6.49
N SER B 194 27.19 0.63 5.36
CA SER B 194 28.63 0.86 5.39
C SER B 194 29.17 1.49 4.10
N ASP B 195 30.26 2.21 4.29
CA ASP B 195 31.01 2.82 3.22
C ASP B 195 31.51 1.76 2.28
N GLU B 196 31.98 0.65 2.83
CA GLU B 196 32.39 -0.50 2.02
C GLU B 196 31.27 -1.03 1.13
N LYS B 197 30.09 -1.22 1.72
CA LYS B 197 28.93 -1.66 0.94
C LYS B 197 28.55 -0.64 -0.14
N VAL B 198 28.53 0.64 0.24
CA VAL B 198 28.25 1.75 -0.68
C VAL B 198 29.16 1.69 -1.92
N ASN B 199 30.46 1.48 -1.68
CA ASN B 199 31.40 1.40 -2.76
C ASN B 199 31.19 0.19 -3.70
N LEU B 200 30.92 -0.97 -3.11
CA LEU B 200 30.47 -2.18 -3.89
C LEU B 200 29.23 -1.89 -4.77
N LEU B 201 28.25 -1.16 -4.23
CA LEU B 201 27.03 -0.87 -4.99
C LEU B 201 27.36 -0.08 -6.26
N LYS B 202 28.29 0.89 -6.13
CA LYS B 202 28.69 1.69 -7.28
C LYS B 202 29.71 1.06 -8.24
N THR B 203 30.67 0.33 -7.74
CA THR B 203 31.62 -0.31 -8.65
C THR B 203 30.96 -1.63 -9.11
N LYS B 204 31.11 -2.65 -8.32
CA LYS B 204 30.67 -3.97 -8.69
C LYS B 204 29.24 -4.07 -9.28
N PHE B 205 28.26 -3.44 -8.62
CA PHE B 205 26.83 -3.77 -8.89
C PHE B 205 26.12 -2.80 -9.83
N GLY B 206 26.83 -1.77 -10.29
CA GLY B 206 26.31 -0.83 -11.32
C GLY B 206 25.12 0.05 -10.90
N PHE B 207 24.93 0.24 -9.61
CA PHE B 207 23.98 1.23 -9.13
C PHE B 207 24.48 2.59 -9.57
N ASP B 208 23.58 3.54 -9.77
CA ASP B 208 23.95 4.86 -10.24
C ASP B 208 24.52 5.72 -9.10
N GLU B 209 23.93 5.52 -7.92
CA GLU B 209 24.39 6.16 -6.69
C GLU B 209 24.07 5.29 -5.50
N ALA B 210 24.66 5.66 -4.36
CA ALA B 210 24.38 4.98 -3.13
C ALA B 210 24.89 5.75 -1.94
N PHE B 211 24.31 5.46 -0.77
CA PHE B 211 24.67 6.18 0.47
C PHE B 211 24.55 5.35 1.73
N ASN B 212 25.36 5.76 2.71
CA ASN B 212 25.41 5.15 4.02
C ASN B 212 24.32 5.76 4.90
N TYR B 213 23.21 5.04 5.05
CA TYR B 213 22.12 5.52 5.86
C TYR B 213 22.55 5.95 7.26
N LYS B 214 23.58 5.30 7.79
CA LYS B 214 24.05 5.60 9.14
C LYS B 214 24.75 6.92 9.26
N LYS B 215 25.12 7.56 8.14
CA LYS B 215 25.79 8.84 8.20
C LYS B 215 24.93 9.95 7.68
N GLU B 216 23.63 9.69 7.57
CA GLU B 216 22.71 10.72 7.17
C GLU B 216 21.81 11.13 8.35
N PRO B 217 22.03 12.32 8.91
CA PRO B 217 21.08 12.75 9.94
C PRO B 217 19.65 12.96 9.41
N ASP B 218 19.48 13.35 8.15
CA ASP B 218 18.11 13.50 7.58
C ASP B 218 17.87 12.63 6.35
N LEU B 219 17.25 11.47 6.53
CA LEU B 219 17.02 10.57 5.40
C LEU B 219 16.16 11.18 4.25
N THR B 220 15.18 12.01 4.62
CA THR B 220 14.38 12.74 3.68
C THR B 220 15.20 13.64 2.77
N LYS B 221 16.12 14.39 3.36
CA LYS B 221 17.00 15.25 2.57
C LYS B 221 18.00 14.44 1.77
N ALA B 222 18.46 13.33 2.33
CA ALA B 222 19.41 12.51 1.61
C ALA B 222 18.78 11.97 0.34
N LEU B 223 17.52 11.51 0.42
CA LEU B 223 16.86 10.96 -0.77
C LEU B 223 16.60 12.01 -1.82
N LYS B 224 16.28 13.22 -1.35
CA LYS B 224 16.09 14.35 -2.22
C LYS B 224 17.38 14.71 -3.03
N ARG B 225 18.56 14.69 -2.40
CA ARG B 225 19.83 14.81 -3.14
C ARG B 225 19.91 13.83 -4.30
N TYR B 226 19.56 12.55 -4.06
CA TYR B 226 19.71 11.56 -5.11
C TYR B 226 18.52 11.50 -6.05
N PHE B 227 17.34 11.94 -5.60
CA PHE B 227 16.15 11.98 -6.46
C PHE B 227 15.55 13.37 -6.49
N PRO B 228 16.15 14.26 -7.32
CA PRO B 228 15.66 15.62 -7.45
C PRO B 228 14.25 15.76 -7.97
N GLU B 229 13.78 14.81 -8.81
CA GLU B 229 12.37 14.81 -9.28
C GLU B 229 11.54 13.72 -8.60
N GLY B 230 12.05 13.18 -7.50
CA GLY B 230 11.31 12.13 -6.78
C GLY B 230 11.59 10.71 -7.24
N ILE B 231 10.89 9.76 -6.59
CA ILE B 231 11.11 8.29 -6.73
C ILE B 231 9.88 7.63 -7.31
N ASP B 232 10.04 6.84 -8.38
CA ASP B 232 8.92 6.07 -8.96
C ASP B 232 8.65 4.74 -8.27
N ILE B 233 9.71 4.07 -7.83
CA ILE B 233 9.64 2.71 -7.33
C ILE B 233 10.59 2.60 -6.17
N TYR B 234 10.08 2.13 -5.05
CA TYR B 234 10.83 1.81 -3.86
C TYR B 234 10.74 0.31 -3.58
N PHE B 235 11.86 -0.39 -3.66
CA PHE B 235 11.92 -1.80 -3.26
C PHE B 235 12.26 -1.79 -1.79
N GLU B 236 11.28 -2.07 -0.98
CA GLU B 236 11.29 -1.86 0.46
C GLU B 236 11.71 -3.15 1.18
N ASN B 237 12.90 -3.11 1.76
CA ASN B 237 13.49 -4.18 2.59
C ASN B 237 13.63 -3.79 4.05
N VAL B 238 13.27 -2.56 4.43
CA VAL B 238 13.71 -1.97 5.71
C VAL B 238 12.61 -1.39 6.62
N GLY B 239 11.68 -0.65 6.05
CA GLY B 239 10.62 -0.05 6.86
C GLY B 239 11.05 1.16 7.66
N GLY B 240 10.10 1.69 8.44
CA GLY B 240 10.40 2.61 9.53
C GLY B 240 10.62 4.00 8.99
N PRO B 241 11.52 4.81 9.63
CA PRO B 241 11.70 6.18 9.17
C PRO B 241 12.17 6.28 7.72
N MET B 242 12.76 5.22 7.19
CA MET B 242 13.24 5.21 5.82
C MET B 242 12.03 5.26 4.86
N LEU B 243 10.98 4.51 5.18
CA LEU B 243 9.73 4.48 4.41
C LEU B 243 9.07 5.84 4.40
N GLU B 244 9.00 6.42 5.58
CA GLU B 244 8.45 7.78 5.75
C GLU B 244 9.21 8.73 4.84
N ALA B 245 10.52 8.66 4.90
CA ALA B 245 11.39 9.43 4.02
C ALA B 245 11.11 9.16 2.58
N VAL B 246 10.95 7.89 2.21
CA VAL B 246 10.59 7.56 0.82
C VAL B 246 9.23 8.20 0.39
N LEU B 247 8.22 8.14 1.27
CA LEU B 247 6.89 8.60 0.88
C LEU B 247 6.94 10.09 0.64
N HIS B 248 7.69 10.80 1.46
CA HIS B 248 7.85 12.21 1.24
C HIS B 248 8.49 12.52 -0.11
N ASN B 249 9.34 11.64 -0.63
CA ASN B 249 10.02 11.88 -1.90
C ASN B 249 9.39 11.14 -3.07
N MET B 250 8.27 10.41 -2.87
CA MET B 250 7.75 9.58 -3.96
C MET B 250 6.91 10.34 -4.99
N ARG B 251 7.00 9.95 -6.27
CA ARG B 251 6.30 10.61 -7.35
C ARG B 251 4.85 10.11 -7.49
N ILE B 252 4.05 10.84 -8.28
CA ILE B 252 2.68 10.44 -8.63
C ILE B 252 2.72 9.01 -9.14
N LYS B 253 1.72 8.20 -8.79
CA LYS B 253 1.69 6.76 -9.19
C LYS B 253 2.95 5.92 -8.87
N GLY B 254 3.69 6.33 -7.84
CA GLY B 254 4.70 5.51 -7.21
C GLY B 254 4.23 4.16 -6.67
N ARG B 255 5.18 3.25 -6.62
CA ARG B 255 4.91 1.91 -6.14
C ARG B 255 5.96 1.54 -5.14
N ILE B 256 5.53 0.80 -4.15
CA ILE B 256 6.43 0.33 -3.08
C ILE B 256 6.11 -1.15 -3.03
N ALA B 257 7.11 -1.98 -3.31
CA ALA B 257 7.00 -3.40 -3.09
C ALA B 257 7.61 -3.66 -1.71
N ALA B 258 6.73 -4.09 -0.82
CA ALA B 258 7.03 -4.38 0.52
C ALA B 258 7.52 -5.82 0.62
N CYS B 259 8.80 -5.99 0.34
CA CYS B 259 9.53 -7.23 0.52
C CYS B 259 9.75 -7.56 1.95
N GLY B 260 10.27 -6.61 2.70
CA GLY B 260 10.39 -6.81 4.14
C GLY B 260 10.70 -5.51 4.82
N MET B 261 10.65 -5.51 6.15
CA MET B 261 10.93 -4.32 6.98
C MET B 261 11.89 -4.65 8.14
N ILE B 262 13.13 -4.99 7.78
CA ILE B 262 14.17 -5.55 8.69
C ILE B 262 14.44 -4.65 9.91
N SER B 263 14.42 -3.31 9.72
CA SER B 263 14.50 -2.35 10.87
C SER B 263 13.53 -2.66 12.01
N GLN B 264 12.48 -3.44 11.72
CA GLN B 264 11.43 -3.69 12.70
C GLN B 264 11.52 -5.02 13.42
N TYR B 265 12.41 -5.93 12.99
CA TYR B 265 12.35 -7.34 13.45
C TYR B 265 12.86 -7.54 14.86
N ASN B 266 13.82 -6.74 15.30
CA ASN B 266 14.37 -6.89 16.65
C ASN B 266 14.00 -5.71 17.57
N LEU B 267 12.78 -5.16 17.40
CA LEU B 267 12.27 -4.06 18.25
C LEU B 267 11.05 -4.49 19.09
N GLU B 268 11.10 -4.21 20.42
CA GLU B 268 9.94 -4.39 21.30
C GLU B 268 8.76 -3.56 20.77
N LYS B 269 9.00 -2.26 20.53
CA LYS B 269 7.99 -1.35 19.92
C LYS B 269 8.30 -0.93 18.44
N PRO B 270 7.66 -1.60 17.44
CA PRO B 270 7.79 -1.10 16.08
C PRO B 270 7.48 0.41 15.93
N GLU B 271 8.25 1.07 15.07
CA GLU B 271 8.13 2.52 14.87
C GLU B 271 6.93 2.91 13.98
N GLY B 272 6.44 4.13 14.23
CA GLY B 272 5.29 4.66 13.52
C GLY B 272 5.53 5.46 12.25
N VAL B 273 4.78 5.14 11.19
CA VAL B 273 4.81 5.91 9.94
C VAL B 273 3.66 6.92 9.98
N HIS B 274 4.03 8.18 9.74
CA HIS B 274 3.21 9.34 10.08
C HIS B 274 2.63 10.03 8.84
N ASN B 275 3.16 9.73 7.65
CA ASN B 275 2.79 10.41 6.44
C ASN B 275 2.12 9.50 5.42
N LEU B 276 1.41 8.48 5.91
CA LEU B 276 0.75 7.56 5.01
C LEU B 276 -0.32 8.18 4.13
N PHE B 277 -0.83 9.36 4.54
CA PHE B 277 -1.88 10.07 3.79
C PHE B 277 -1.39 10.45 2.41
N LEU B 278 -0.08 10.67 2.25
CA LEU B 278 0.53 11.02 0.96
C LEU B 278 0.28 10.01 -0.15
N ILE B 279 -0.03 8.79 0.25
CA ILE B 279 -0.43 7.73 -0.67
C ILE B 279 -1.71 8.05 -1.44
N VAL B 280 -2.63 8.78 -0.82
CA VAL B 280 -3.86 9.19 -1.51
C VAL B 280 -3.50 10.23 -2.55
N GLY B 281 -2.86 11.29 -2.11
CA GLY B 281 -2.66 12.45 -3.00
C GLY B 281 -1.70 12.14 -4.11
N LYS B 282 -0.84 11.14 -3.91
CA LYS B 282 0.11 10.74 -4.92
C LYS B 282 -0.26 9.43 -5.59
N ARG B 283 -1.36 8.82 -5.14
CA ARG B 283 -1.98 7.69 -5.80
C ARG B 283 -0.97 6.52 -5.80
N ILE B 284 -0.34 6.32 -4.65
CA ILE B 284 0.70 5.33 -4.45
C ILE B 284 0.11 3.97 -4.14
N ARG B 285 0.67 2.94 -4.77
CA ARG B 285 0.39 1.55 -4.42
C ARG B 285 1.54 0.96 -3.53
N LEU B 286 1.19 0.51 -2.34
CA LEU B 286 2.13 -0.13 -1.40
C LEU B 286 1.67 -1.55 -1.23
N GLU B 287 2.48 -2.51 -1.64
CA GLU B 287 1.99 -3.89 -1.69
C GLU B 287 2.98 -4.92 -1.15
N GLY B 288 2.53 -5.70 -0.17
CA GLY B 288 3.36 -6.79 0.34
C GLY B 288 3.22 -8.00 -0.55
N PHE B 289 4.30 -8.80 -0.62
CA PHE B 289 4.35 -10.09 -1.31
C PHE B 289 5.22 -11.10 -0.54
N LEU B 290 4.92 -12.37 -0.74
CA LEU B 290 5.66 -13.45 -0.13
C LEU B 290 6.06 -14.39 -1.28
N VAL B 291 7.34 -14.73 -1.33
CA VAL B 291 7.89 -15.55 -2.38
C VAL B 291 7.30 -16.92 -2.37
N PHE B 292 6.98 -17.41 -1.18
CA PHE B 292 6.22 -18.62 -0.95
C PHE B 292 5.02 -18.79 -1.91
N ASP B 293 4.32 -17.71 -2.28
CA ASP B 293 3.16 -17.88 -3.16
C ASP B 293 3.50 -18.00 -4.62
N HIS B 294 4.78 -17.98 -4.99
CA HIS B 294 5.15 -17.69 -6.38
C HIS B 294 6.12 -18.71 -7.01
N TYR B 295 6.13 -19.93 -6.51
CA TYR B 295 7.07 -20.97 -6.98
C TYR B 295 6.77 -21.43 -8.38
N GLY B 296 5.53 -21.17 -8.85
CA GLY B 296 5.18 -21.35 -10.27
C GLY B 296 6.03 -20.53 -11.26
N SER B 297 6.62 -19.43 -10.81
CA SER B 297 7.48 -18.65 -11.66
C SER B 297 8.94 -19.13 -11.71
N TYR B 298 9.27 -20.16 -10.94
CA TYR B 298 10.67 -20.54 -10.75
C TYR B 298 11.34 -20.95 -12.06
N PRO B 299 10.72 -21.87 -12.83
CA PRO B 299 11.33 -22.35 -14.05
C PRO B 299 11.82 -21.28 -14.99
N GLU B 300 10.95 -20.32 -15.30
CA GLU B 300 11.31 -19.23 -16.18
C GLU B 300 12.36 -18.30 -15.50
N PHE B 301 12.23 -18.05 -14.21
CA PHE B 301 13.21 -17.23 -13.55
C PHE B 301 14.62 -17.87 -13.64
N GLU B 302 14.66 -19.16 -13.36
CA GLU B 302 15.91 -19.93 -13.35
C GLU B 302 16.67 -19.78 -14.67
N GLU B 303 15.94 -20.06 -15.75
CA GLU B 303 16.37 -19.94 -17.14
CA GLU B 303 16.48 -19.98 -17.09
C GLU B 303 16.98 -18.57 -17.39
N LYS B 304 16.18 -17.54 -17.07
CA LYS B 304 16.63 -16.16 -17.23
C LYS B 304 17.96 -15.88 -16.46
N VAL B 305 18.04 -16.22 -15.19
CA VAL B 305 19.21 -15.84 -14.41
C VAL B 305 20.44 -16.67 -14.76
N VAL B 306 20.25 -17.97 -15.01
CA VAL B 306 21.30 -18.80 -15.61
C VAL B 306 21.90 -18.15 -16.87
N GLN B 307 21.07 -17.66 -17.79
CA GLN B 307 21.58 -16.98 -18.99
C GLN B 307 22.41 -15.74 -18.63
N LEU B 308 21.92 -14.96 -17.67
CA LEU B 308 22.64 -13.79 -17.22
C LEU B 308 24.02 -14.14 -16.68
N ILE B 309 24.08 -15.15 -15.84
CA ILE B 309 25.35 -15.70 -15.40
C ILE B 309 26.24 -16.22 -16.54
N LYS B 310 25.68 -17.00 -17.46
CA LYS B 310 26.49 -17.59 -18.52
C LYS B 310 27.10 -16.45 -19.31
N GLU B 311 26.27 -15.48 -19.64
CA GLU B 311 26.71 -14.32 -20.40
C GLU B 311 27.51 -13.31 -19.57
N GLU B 312 27.70 -13.53 -18.27
CA GLU B 312 28.37 -12.54 -17.43
C GLU B 312 27.66 -11.19 -17.52
N LYS B 313 26.33 -11.20 -17.58
CA LYS B 313 25.54 -9.97 -17.54
C LYS B 313 24.94 -9.65 -16.15
N ILE B 314 25.34 -10.42 -15.13
CA ILE B 314 24.93 -10.16 -13.73
C ILE B 314 26.05 -10.57 -12.81
N LYS B 315 26.17 -9.83 -11.70
CA LYS B 315 27.20 -9.99 -10.68
C LYS B 315 26.55 -10.35 -9.36
N TYR B 316 27.33 -11.06 -8.57
CA TYR B 316 26.84 -11.69 -7.36
C TYR B 316 27.98 -11.90 -6.41
N LEU B 317 27.80 -11.49 -5.16
CA LEU B 317 28.77 -11.62 -4.08
C LEU B 317 28.15 -12.39 -2.93
N GLU B 318 28.87 -13.45 -2.57
CA GLU B 318 28.62 -14.30 -1.45
C GLU B 318 29.61 -14.03 -0.35
N ASP B 319 29.10 -14.08 0.87
CA ASP B 319 29.85 -14.14 2.11
C ASP B 319 29.80 -15.59 2.57
N ILE B 320 30.94 -16.24 2.56
CA ILE B 320 31.01 -17.65 2.80
C ILE B 320 31.71 -17.90 4.13
N VAL B 321 31.07 -18.70 4.96
CA VAL B 321 31.64 -19.18 6.21
C VAL B 321 31.78 -20.67 6.04
N GLU B 322 32.89 -21.21 6.54
CA GLU B 322 33.16 -22.66 6.46
C GLU B 322 32.81 -23.32 7.79
N GLY B 323 31.94 -24.33 7.74
CA GLY B 323 31.64 -25.19 8.88
C GLY B 323 30.30 -24.91 9.57
N LEU B 324 29.56 -25.96 9.87
CA LEU B 324 28.27 -25.85 10.62
C LEU B 324 28.38 -25.04 11.95
N GLU B 325 29.46 -25.31 12.68
CA GLU B 325 29.76 -24.70 13.96
C GLU B 325 29.69 -23.19 13.84
N ASN B 326 29.87 -22.69 12.61
CA ASN B 326 29.91 -21.24 12.40
C ASN B 326 28.58 -20.66 11.92
N ALA B 327 27.58 -21.51 11.76
CA ALA B 327 26.27 -21.05 11.31
C ALA B 327 25.61 -20.02 12.26
N PRO B 328 25.67 -20.31 13.58
CA PRO B 328 24.92 -19.42 14.51
C PRO B 328 25.37 -17.93 14.44
N ALA B 329 26.67 -17.72 14.52
CA ALA B 329 27.26 -16.37 14.42
C ALA B 329 26.91 -15.78 13.08
N ALA B 330 27.01 -16.63 12.06
CA ALA B 330 26.71 -16.21 10.69
C ALA B 330 25.33 -15.61 10.69
N LEU B 331 24.35 -16.33 11.25
CA LEU B 331 22.96 -15.86 11.29
C LEU B 331 22.78 -14.53 12.03
N ILE B 332 23.37 -14.44 13.23
CA ILE B 332 23.29 -13.19 14.01
C ILE B 332 23.86 -11.97 13.26
N GLY B 333 25.03 -12.18 12.64
CA GLY B 333 25.68 -11.18 11.78
C GLY B 333 24.72 -10.52 10.80
N LEU B 334 23.81 -11.31 10.24
CA LEU B 334 22.82 -10.76 9.34
C LEU B 334 22.12 -9.51 9.87
N PHE B 335 21.71 -9.57 11.14
CA PHE B 335 20.92 -8.48 11.75
C PHE B 335 21.78 -7.37 12.28
N GLU B 336 23.09 -7.54 12.15
CA GLU B 336 24.01 -6.49 12.52
C GLU B 336 24.57 -5.92 11.23
N GLY B 337 24.19 -6.52 10.12
CA GLY B 337 24.79 -6.22 8.82
C GLY B 337 26.27 -6.57 8.73
N ARG B 338 26.71 -7.66 9.37
CA ARG B 338 28.12 -8.12 9.21
C ARG B 338 28.33 -8.85 7.89
N ASN B 339 27.28 -9.52 7.38
CA ASN B 339 27.36 -10.16 6.06
C ASN B 339 27.71 -9.12 5.03
N VAL B 340 28.73 -9.43 4.22
CA VAL B 340 29.05 -8.67 3.01
C VAL B 340 28.72 -9.61 1.81
N GLY B 341 27.51 -9.44 1.25
CA GLY B 341 26.99 -10.33 0.24
C GLY B 341 25.98 -11.32 0.82
N LYS B 342 25.51 -12.24 0.00
CA LYS B 342 24.60 -13.28 0.47
C LYS B 342 25.31 -14.26 1.45
N GLN B 343 24.82 -14.34 2.69
CA GLN B 343 25.46 -15.18 3.69
C GLN B 343 25.19 -16.67 3.47
N VAL B 344 26.29 -17.41 3.30
CA VAL B 344 26.30 -18.82 3.07
C VAL B 344 27.09 -19.55 4.13
N VAL B 345 26.64 -20.75 4.48
CA VAL B 345 27.45 -21.63 5.33
C VAL B 345 27.72 -22.90 4.53
N VAL B 346 28.98 -23.28 4.41
CA VAL B 346 29.35 -24.52 3.76
C VAL B 346 29.34 -25.56 4.86
N VAL B 347 28.46 -26.56 4.79
CA VAL B 347 28.42 -27.60 5.81
C VAL B 347 29.38 -28.68 5.35
N SER B 348 29.31 -29.02 4.07
CA SER B 348 30.19 -29.99 3.47
C SER B 348 30.30 -29.69 1.97
N ARG B 349 31.49 -29.76 1.41
CA ARG B 349 31.59 -29.60 -0.03
C ARG B 349 31.43 -30.94 -0.68
N GLU B 350 30.73 -30.96 -1.82
CA GLU B 350 30.74 -32.09 -2.71
C GLU B 350 32.17 -32.21 -3.29
N LYS B 351 32.65 -33.44 -3.45
CA LYS B 351 34.01 -33.67 -3.94
C LYS B 351 34.03 -33.40 -5.44
N GLY B 352 35.19 -33.00 -5.98
CA GLY B 352 35.36 -32.63 -7.40
C GLY B 352 34.97 -31.19 -7.74
N HIS B 353 35.95 -30.32 -7.98
CA HIS B 353 35.72 -28.86 -8.09
C HIS B 353 36.44 -28.14 -9.21
N HIS B 355 35.74 -24.95 -8.45
CA HIS B 355 36.11 -23.55 -8.81
C HIS B 355 37.00 -23.01 -7.73
N HIS B 356 37.52 -21.83 -7.98
CA HIS B 356 38.68 -21.38 -7.27
C HIS B 356 38.09 -20.24 -6.53
N HIS B 357 38.49 -20.03 -5.28
CA HIS B 357 38.19 -18.74 -4.67
C HIS B 357 39.44 -18.11 -4.10
N HIS B 358 39.31 -16.87 -3.65
CA HIS B 358 40.31 -16.16 -2.89
C HIS B 358 39.92 -16.06 -1.41
PA NAP C . -18.54 12.57 4.60
O1A NAP C . -18.36 11.13 5.04
O2A NAP C . -19.82 12.94 3.91
O5B NAP C . -18.26 13.63 5.80
C5B NAP C . -17.03 13.58 6.57
C4B NAP C . -17.23 12.69 7.77
O4B NAP C . -15.97 12.30 8.33
C3B NAP C . -17.97 13.24 9.03
O3B NAP C . -19.37 13.10 8.97
C2B NAP C . -17.51 12.28 10.12
O2B NAP C . -18.36 11.14 10.22
C1B NAP C . -16.17 11.73 9.61
N9A NAP C . -15.04 12.18 10.46
C8A NAP C . -14.64 13.46 10.61
N7A NAP C . -13.58 13.55 11.43
C5A NAP C . -13.33 12.29 11.83
C6A NAP C . -12.30 11.66 12.70
N6A NAP C . -11.41 12.49 13.30
N1A NAP C . -12.30 10.32 12.88
C2A NAP C . -13.21 9.54 12.23
N3A NAP C . -14.17 10.04 11.37
C4A NAP C . -14.26 11.39 11.17
O3 NAP C . -17.37 13.05 3.63
PN NAP C . -17.19 12.38 2.13
O1N NAP C . -17.15 13.47 1.06
O2N NAP C . -17.78 11.01 2.07
O5D NAP C . -15.55 12.12 2.22
C5D NAP C . -15.11 10.81 2.68
C4D NAP C . -13.56 10.59 2.54
O4D NAP C . -13.22 10.43 1.15
C3D NAP C . -12.67 11.71 3.05
O3D NAP C . -11.47 11.29 3.71
C2D NAP C . -12.27 12.45 1.81
O2D NAP C . -11.07 13.19 2.00
C1D NAP C . -12.22 11.33 0.83
N1N NAP C . -12.42 11.60 -0.58
C2N NAP C . -11.42 11.22 -1.41
C3N NAP C . -11.53 11.40 -2.79
C7N NAP C . -10.44 10.92 -3.73
O7N NAP C . -10.48 11.26 -4.92
N7N NAP C . -9.55 10.02 -3.28
C4N NAP C . -12.74 11.93 -3.28
C5N NAP C . -13.77 12.29 -2.39
C6N NAP C . -13.59 12.08 -1.03
P2B NAP C . -18.49 10.37 11.67
O1X NAP C . -19.74 10.94 12.31
O2X NAP C . -18.82 8.93 11.35
O3X NAP C . -17.22 10.80 12.38
PA NAP D . 20.63 -9.39 3.28
O1A NAP D . 20.40 -8.01 2.72
O2A NAP D . 21.56 -10.42 2.66
O5B NAP D . 21.08 -9.18 4.83
C5B NAP D . 20.33 -8.35 5.74
C4B NAP D . 20.83 -6.91 5.64
O4B NAP D . 19.89 -6.03 6.27
C3B NAP D . 22.20 -6.61 6.29
O3B NAP D . 23.40 -6.90 5.49
C2B NAP D . 22.06 -5.11 6.57
O2B NAP D . 22.75 -4.41 5.53
C1B NAP D . 20.57 -4.80 6.59
N9A NAP D . 20.04 -4.33 7.91
C8A NAP D . 20.10 -5.04 9.05
N7A NAP D . 19.55 -4.36 10.08
C5A NAP D . 19.09 -3.17 9.59
C6A NAP D . 18.38 -1.96 10.15
N6A NAP D . 18.03 -1.88 11.47
N1A NAP D . 18.11 -0.93 9.31
C2A NAP D . 18.45 -0.99 8.00
N3A NAP D . 19.09 -2.05 7.42
C4A NAP D . 19.44 -3.15 8.15
O3 NAP D . 19.14 -10.07 3.40
PN NAP D . 18.27 -10.62 2.14
O1N NAP D . 18.21 -12.15 2.22
O2N NAP D . 18.68 -10.06 0.79
O5D NAP D . 16.81 -9.93 2.56
C5D NAP D . 16.49 -8.51 2.47
C4D NAP D . 15.01 -8.21 2.87
O4D NAP D . 14.10 -8.96 2.02
C3D NAP D . 14.66 -8.55 4.32
O3D NAP D . 13.85 -7.57 4.99
C2D NAP D . 13.95 -9.91 4.22
O2D NAP D . 13.25 -10.32 5.42
C1D NAP D . 13.20 -9.72 2.88
N1N NAP D . 12.77 -10.94 2.16
C2N NAP D . 11.47 -11.06 1.84
C3N NAP D . 10.95 -12.16 1.15
C7N NAP D . 9.47 -12.22 0.81
O7N NAP D . 9.10 -13.36 0.38
N7N NAP D . 8.69 -11.08 0.96
C4N NAP D . 11.83 -13.21 0.75
C5N NAP D . 13.18 -13.07 1.10
C6N NAP D . 13.62 -11.93 1.81
P2B NAP D . 23.22 -2.85 5.56
O1X NAP D . 24.70 -2.84 5.65
O2X NAP D . 22.76 -2.62 4.12
O3X NAP D . 22.55 -2.19 6.77
#